data_4AKT
#
_entry.id   4AKT
#
_cell.length_a   135.630
_cell.length_b   67.320
_cell.length_c   137.870
_cell.angle_alpha   90.00
_cell.angle_beta   116.76
_cell.angle_gamma   90.00
#
_symmetry.space_group_name_H-M   'C 1 2 1'
#
loop_
_entity.id
_entity.type
_entity.pdbx_description
1 polymer 'THIAZOLINE OXIDASE/SUBTILISIN-LIKE PROTEASE'
2 polymer 'SUBSTRATE ANALOGUE'
3 water water
#
loop_
_entity_poly.entity_id
_entity_poly.type
_entity_poly.pdbx_seq_one_letter_code
_entity_poly.pdbx_strand_id
1 'polypeptide(L)'
;GEDEIESAGVSASEVESSATKQKVALHPHDLDERIPGLADLHNQTLGDPQITIVIIDGDPDYTLSCFEGAEVSKVFPYWH
EPAEPITPEDYAAFQSIRDQGLKGKEKEEALEAVIPDTKDRIVLNDAACHVTSTIVGQEHSPVFGIAPNCRVINMPQDAV
IRGNYDDVMSPLNLARAIDLALELGANIIHCAFCRPTQTSEGEEILVQAIKKCQDNNVLIVSPTGNNSNESWCLPAVLPG
TLAVGAAKVDGTPCHFSNWGGNNTKEGILAPGEEILGAQPCTEEPVRLTGTSMAAPVMTGISALLMSLQVQQGKPVDAEA
VRTALLKTAIPCDPEVVEEPERCLRGFVNIPGAMKVLFGQ
;
A,B
2 'polypeptide(L)' VGAPIPFPAYDG C
#
# COMPACT_ATOMS: atom_id res chain seq x y z
N VAL A 24 25.69 36.89 -14.04
CA VAL A 24 24.65 37.51 -13.16
C VAL A 24 23.47 36.57 -12.94
N ALA A 25 22.98 36.50 -11.71
CA ALA A 25 21.91 35.59 -11.34
C ALA A 25 20.54 36.20 -11.66
N LEU A 26 19.83 35.59 -12.60
CA LEU A 26 18.47 36.03 -12.95
C LEU A 26 17.45 35.69 -11.88
N HIS A 27 17.73 34.67 -11.07
CA HIS A 27 16.84 34.31 -9.97
C HIS A 27 17.61 34.20 -8.67
N PRO A 28 17.91 35.35 -8.04
CA PRO A 28 18.76 35.31 -6.86
C PRO A 28 18.20 34.41 -5.76
N HIS A 29 18.97 33.39 -5.40
CA HIS A 29 18.63 32.46 -4.33
C HIS A 29 19.61 32.57 -3.19
N ASP A 30 19.08 32.46 -1.97
CA ASP A 30 19.83 32.51 -0.71
C ASP A 30 21.09 31.64 -0.64
N LEU A 31 21.13 30.55 -1.43
CA LEU A 31 22.26 29.63 -1.43
C LEU A 31 23.20 29.77 -2.64
N ASP A 32 23.07 30.86 -3.38
CA ASP A 32 23.95 31.05 -4.56
C ASP A 32 25.43 31.13 -4.18
N GLU A 33 25.73 31.85 -3.10
CA GLU A 33 27.12 32.00 -2.66
C GLU A 33 27.68 30.72 -2.03
N ARG A 34 26.85 29.90 -1.42
CA ARG A 34 27.32 28.63 -0.84
C ARG A 34 27.37 27.49 -1.84
N ILE A 35 26.57 27.58 -2.91
CA ILE A 35 26.52 26.54 -3.94
C ILE A 35 27.01 27.03 -5.30
N PRO A 36 28.32 26.89 -5.59
CA PRO A 36 28.77 27.27 -6.92
C PRO A 36 27.94 26.60 -8.00
N GLY A 37 27.59 27.35 -9.04
CA GLY A 37 26.84 26.82 -10.17
C GLY A 37 25.33 26.86 -10.04
N LEU A 38 24.80 27.11 -8.83
CA LEU A 38 23.35 27.19 -8.66
C LEU A 38 22.76 28.28 -9.51
N ALA A 39 23.26 29.49 -9.35
CA ALA A 39 22.79 30.64 -10.11
C ALA A 39 22.74 30.37 -11.62
N ASP A 40 23.84 29.86 -12.18
CA ASP A 40 23.87 29.52 -13.60
C ASP A 40 22.78 28.49 -13.90
N LEU A 41 22.56 27.51 -13.01
CA LEU A 41 21.55 26.48 -13.28
C LEU A 41 20.13 27.06 -13.24
N HIS A 42 19.87 27.96 -12.29
CA HIS A 42 18.59 28.66 -12.23
C HIS A 42 18.34 29.54 -13.44
N ASN A 43 19.39 30.14 -13.98
CA ASN A 43 19.28 30.85 -15.25
C ASN A 43 18.81 29.98 -16.43
N GLN A 44 18.99 28.67 -16.33
CA GLN A 44 18.55 27.77 -17.38
C GLN A 44 17.23 27.07 -17.07
N THR A 45 16.85 27.01 -15.79
CA THR A 45 15.61 26.36 -15.40
C THR A 45 15.23 26.61 -13.96
N LEU A 46 13.94 26.64 -13.69
CA LEU A 46 13.43 26.64 -12.33
C LEU A 46 12.67 25.34 -12.02
N GLY A 47 12.85 24.34 -12.86
CA GLY A 47 12.12 23.09 -12.76
C GLY A 47 11.20 22.93 -13.95
N ASP A 48 10.74 21.71 -14.19
CA ASP A 48 9.74 21.42 -15.21
C ASP A 48 8.60 20.63 -14.58
N PRO A 49 7.36 20.89 -14.99
CA PRO A 49 6.24 20.13 -14.41
C PRO A 49 6.23 18.63 -14.72
N GLN A 50 6.94 18.22 -15.77
CA GLN A 50 7.05 16.79 -16.09
C GLN A 50 7.88 15.98 -15.07
N ILE A 51 8.62 16.68 -14.19
CA ILE A 51 9.39 16.04 -13.12
C ILE A 51 8.63 16.08 -11.82
N THR A 52 8.30 14.90 -11.30
CA THR A 52 7.52 14.78 -10.09
C THR A 52 8.39 14.33 -8.92
N ILE A 53 8.30 15.07 -7.83
CA ILE A 53 8.99 14.73 -6.59
C ILE A 53 7.90 14.32 -5.60
N VAL A 54 8.02 13.12 -5.04
CA VAL A 54 7.12 12.71 -3.96
C VAL A 54 7.91 12.81 -2.64
N ILE A 55 7.41 13.62 -1.71
CA ILE A 55 8.06 13.85 -0.41
C ILE A 55 7.36 12.97 0.64
N ILE A 56 8.09 11.99 1.15
CA ILE A 56 7.63 11.16 2.26
C ILE A 56 8.12 11.77 3.59
N ASP A 57 7.24 12.48 4.28
CA ASP A 57 7.56 13.28 5.47
C ASP A 57 6.25 13.50 6.19
N GLY A 58 6.19 14.45 7.10
CA GLY A 58 4.94 14.85 7.75
C GLY A 58 4.04 15.69 6.85
N ASP A 59 3.17 16.46 7.49
CA ASP A 59 2.05 17.11 6.83
C ASP A 59 2.27 18.62 6.81
N PRO A 60 2.59 19.18 5.64
CA PRO A 60 2.94 20.58 5.55
C PRO A 60 1.72 21.48 5.40
N ASP A 61 1.95 22.78 5.56
CA ASP A 61 0.89 23.76 5.55
C ASP A 61 0.83 24.43 4.18
N TYR A 62 -0.14 24.05 3.38
CA TYR A 62 -0.26 24.60 2.01
C TYR A 62 -0.89 25.99 2.00
N THR A 63 -1.42 26.45 3.12
CA THR A 63 -2.01 27.78 3.16
C THR A 63 -0.94 28.89 3.11
N LEU A 64 0.31 28.53 3.40
CA LEU A 64 1.43 29.48 3.30
C LEU A 64 1.60 30.01 1.88
N SER A 65 2.05 31.25 1.77
CA SER A 65 2.11 31.95 0.47
C SER A 65 3.25 31.42 -0.38
N CYS A 66 4.26 30.82 0.26
CA CYS A 66 5.36 30.22 -0.47
C CYS A 66 4.90 29.07 -1.36
N PHE A 67 3.67 28.58 -1.13
CA PHE A 67 3.08 27.52 -1.96
C PHE A 67 2.01 28.03 -2.94
N GLU A 68 1.71 29.31 -2.89
CA GLU A 68 0.73 29.88 -3.81
C GLU A 68 1.26 29.79 -5.24
N GLY A 69 0.55 29.04 -6.08
CA GLY A 69 0.97 28.85 -7.46
C GLY A 69 1.97 27.73 -7.65
N ALA A 70 2.45 27.13 -6.56
CA ALA A 70 3.25 25.92 -6.64
C ALA A 70 2.35 24.75 -6.99
N GLU A 71 2.83 23.86 -7.85
CA GLU A 71 2.08 22.67 -8.20
C GLU A 71 2.33 21.61 -7.14
N VAL A 72 1.61 21.74 -6.03
CA VAL A 72 1.70 20.83 -4.90
C VAL A 72 0.35 20.16 -4.65
N SER A 73 0.39 18.90 -4.24
CA SER A 73 -0.82 18.21 -3.82
C SER A 73 -0.48 17.18 -2.75
N LYS A 74 -1.44 16.84 -1.91
CA LYS A 74 -1.23 15.85 -0.87
C LYS A 74 -1.85 14.55 -1.28
N VAL A 75 -1.15 13.45 -1.03
CA VAL A 75 -1.78 12.14 -1.08
C VAL A 75 -1.50 11.39 0.22
N PHE A 76 -2.56 11.12 0.97
CA PHE A 76 -2.47 10.44 2.24
C PHE A 76 -2.56 8.96 1.99
N PRO A 77 -1.58 8.18 2.45
CA PRO A 77 -1.67 6.73 2.24
C PRO A 77 -3.00 6.20 2.72
N TYR A 78 -3.68 5.46 1.87
CA TYR A 78 -5.03 4.96 2.17
C TYR A 78 -5.10 3.97 3.35
N TRP A 79 -3.98 3.36 3.71
CA TRP A 79 -3.92 2.37 4.80
C TRP A 79 -3.63 3.01 6.14
N HIS A 80 -3.57 4.33 6.17
CA HIS A 80 -3.51 5.08 7.42
C HIS A 80 -4.86 5.59 7.76
N GLU A 81 -5.14 5.67 9.06
CA GLU A 81 -6.28 6.40 9.55
C GLU A 81 -5.74 7.80 9.80
N PRO A 82 -6.46 8.85 9.35
CA PRO A 82 -5.94 10.21 9.55
C PRO A 82 -5.93 10.62 11.03
N ALA A 83 -4.94 11.40 11.44
CA ALA A 83 -4.86 11.86 12.83
C ALA A 83 -5.74 13.09 13.03
N GLU A 84 -6.05 13.38 14.30
CA GLU A 84 -6.78 14.58 14.67
C GLU A 84 -5.97 15.78 14.19
N PRO A 85 -6.63 16.79 13.59
CA PRO A 85 -5.90 18.00 13.24
C PRO A 85 -5.19 18.63 14.44
N ILE A 86 -4.19 19.46 14.15
CA ILE A 86 -3.42 20.10 15.21
C ILE A 86 -3.74 21.57 15.22
N THR A 87 -4.07 22.07 16.40
CA THR A 87 -4.52 23.44 16.53
C THR A 87 -3.39 24.40 16.28
N PRO A 88 -3.67 25.56 15.66
CA PRO A 88 -2.68 26.63 15.54
C PRO A 88 -1.98 26.93 16.86
N GLU A 89 -2.71 26.81 17.95
CA GLU A 89 -2.21 27.10 19.28
C GLU A 89 -1.04 26.17 19.66
N ASP A 90 -1.15 24.90 19.32
CA ASP A 90 -0.08 23.94 19.60
C ASP A 90 1.18 24.28 18.78
N TYR A 91 0.98 24.63 17.51
CA TYR A 91 2.07 25.10 16.65
C TYR A 91 2.69 26.39 17.23
N ALA A 92 1.85 27.28 17.73
CA ALA A 92 2.32 28.53 18.37
C ALA A 92 3.20 28.24 19.56
N ALA A 93 2.81 27.22 20.34
CA ALA A 93 3.58 26.81 21.50
C ALA A 93 4.96 26.29 21.10
N PHE A 94 5.00 25.41 20.10
CA PHE A 94 6.24 24.86 19.57
C PHE A 94 7.20 25.95 19.12
N GLN A 95 6.68 26.88 18.34
CA GLN A 95 7.47 27.96 17.77
C GLN A 95 7.95 28.96 18.83
N SER A 96 7.13 29.22 19.84
CA SER A 96 7.56 30.05 20.97
C SER A 96 8.79 29.47 21.66
N ILE A 97 8.77 28.17 21.91
CA ILE A 97 9.90 27.50 22.55
C ILE A 97 11.14 27.50 21.66
N ARG A 98 10.94 27.47 20.35
CA ARG A 98 12.07 27.56 19.44
C ARG A 98 12.63 28.96 19.43
N ASP A 99 11.75 29.95 19.29
CA ASP A 99 12.17 31.35 19.27
C ASP A 99 12.97 31.76 20.52
N GLN A 100 12.62 31.20 21.69
CA GLN A 100 13.35 31.44 22.92
C GLN A 100 14.78 30.87 22.88
N GLY A 101 15.03 29.98 21.92
CA GLY A 101 16.35 29.38 21.75
C GLY A 101 16.64 28.31 22.78
N LEU A 102 15.59 27.79 23.43
CA LEU A 102 15.75 26.69 24.37
C LEU A 102 16.21 25.45 23.61
N LYS A 103 17.02 24.63 24.27
CA LYS A 103 17.58 23.45 23.65
C LYS A 103 17.77 22.31 24.64
N GLY A 104 17.87 21.09 24.10
CA GLY A 104 18.22 19.92 24.91
C GLY A 104 17.15 19.47 25.87
N LYS A 105 17.52 19.29 27.13
CA LYS A 105 16.59 18.84 28.17
C LYS A 105 15.55 19.92 28.45
N GLU A 106 16.02 21.14 28.70
CA GLU A 106 15.15 22.31 28.92
C GLU A 106 14.06 22.46 27.86
N LYS A 107 14.40 22.20 26.60
CA LYS A 107 13.45 22.31 25.50
C LYS A 107 12.37 21.22 25.60
N GLU A 108 12.76 20.00 25.96
CA GLU A 108 11.81 18.89 25.98
C GLU A 108 10.93 18.98 27.23
N GLU A 109 11.45 19.55 28.31
CA GLU A 109 10.61 19.83 29.48
C GLU A 109 9.58 20.91 29.16
N ALA A 110 9.96 21.88 28.36
CA ALA A 110 9.04 22.91 27.92
C ALA A 110 7.97 22.34 27.02
N LEU A 111 8.38 21.56 26.03
CA LEU A 111 7.43 20.99 25.10
C LEU A 111 6.45 20.06 25.81
N GLU A 112 6.96 19.32 26.79
CA GLU A 112 6.17 18.37 27.54
C GLU A 112 5.09 19.08 28.38
N ALA A 113 5.44 20.25 28.90
CA ALA A 113 4.53 20.98 29.76
C ALA A 113 3.33 21.54 28.98
N VAL A 114 3.53 22.00 27.73
CA VAL A 114 2.45 22.67 26.98
C VAL A 114 1.80 21.85 25.86
N ILE A 115 2.57 20.98 25.24
CA ILE A 115 2.03 20.19 24.14
C ILE A 115 2.59 18.76 24.20
N PRO A 116 2.34 18.04 25.30
CA PRO A 116 2.87 16.68 25.44
C PRO A 116 2.33 15.69 24.41
N ASP A 117 1.07 15.87 24.01
CA ASP A 117 0.39 14.91 23.13
C ASP A 117 0.54 15.24 21.65
N THR A 118 1.14 16.38 21.33
CA THR A 118 1.30 16.77 19.94
C THR A 118 2.74 17.17 19.57
N LYS A 119 3.65 17.16 20.55
CA LYS A 119 5.02 17.64 20.30
C LYS A 119 5.70 16.86 19.17
N ASP A 120 5.55 15.54 19.16
CA ASP A 120 6.25 14.69 18.18
C ASP A 120 5.68 14.83 16.77
N ARG A 121 4.39 15.05 16.66
CA ARG A 121 3.77 15.22 15.35
C ARG A 121 4.09 16.59 14.80
N ILE A 122 4.22 17.57 15.69
CA ILE A 122 4.55 18.92 15.27
C ILE A 122 5.99 18.95 14.75
N VAL A 123 6.90 18.22 15.40
CA VAL A 123 8.27 18.14 14.92
C VAL A 123 8.26 17.68 13.46
N LEU A 124 7.52 16.61 13.18
CA LEU A 124 7.41 16.07 11.83
C LEU A 124 6.81 17.08 10.89
N ASN A 125 5.64 17.60 11.23
CA ASN A 125 4.93 18.49 10.32
C ASN A 125 5.70 19.77 10.07
N ASP A 126 6.32 20.31 11.12
CA ASP A 126 7.15 21.49 10.98
C ASP A 126 8.27 21.22 10.00
N ALA A 127 9.03 20.15 10.23
CA ALA A 127 10.11 19.79 9.32
C ALA A 127 9.61 19.60 7.85
N ALA A 128 8.41 19.04 7.68
CA ALA A 128 7.85 18.85 6.33
C ALA A 128 7.55 20.19 5.64
N CYS A 129 7.11 21.18 6.41
CA CYS A 129 6.99 22.54 5.89
C CYS A 129 8.31 23.05 5.39
N HIS A 130 9.32 22.90 6.23
CA HIS A 130 10.62 23.44 5.94
C HIS A 130 11.23 22.80 4.72
N VAL A 131 11.25 21.49 4.73
CA VAL A 131 11.75 20.69 3.63
C VAL A 131 10.97 20.97 2.34
N THR A 132 9.64 20.92 2.40
CA THR A 132 8.87 21.08 1.18
C THR A 132 9.10 22.47 0.58
N SER A 133 9.28 23.47 1.42
CA SER A 133 9.50 24.85 0.94
C SER A 133 10.90 25.02 0.37
N THR A 134 11.88 24.33 0.95
CA THR A 134 13.24 24.33 0.44
C THR A 134 13.27 23.80 -1.00
N ILE A 135 12.37 22.88 -1.32
CA ILE A 135 12.28 22.32 -2.65
C ILE A 135 11.43 23.13 -3.62
N VAL A 136 10.20 23.47 -3.23
CA VAL A 136 9.24 24.05 -4.18
C VAL A 136 8.76 25.49 -3.87
N GLY A 137 9.32 26.10 -2.85
CA GLY A 137 8.96 27.48 -2.51
C GLY A 137 9.02 28.42 -3.71
N GLN A 138 7.97 29.22 -3.92
CA GLN A 138 7.88 30.07 -5.11
C GLN A 138 8.71 31.33 -4.97
N GLU A 139 9.29 31.78 -6.09
CA GLU A 139 10.18 32.94 -6.06
C GLU A 139 9.37 34.19 -5.69
N HIS A 140 10.01 35.09 -4.93
CA HIS A 140 9.39 36.34 -4.46
C HIS A 140 8.46 36.15 -3.28
N SER A 141 8.39 34.93 -2.79
CA SER A 141 7.75 34.62 -1.52
C SER A 141 8.82 34.65 -0.42
N PRO A 142 8.42 34.45 0.85
CA PRO A 142 9.39 34.40 1.94
C PRO A 142 10.40 33.26 1.83
N VAL A 143 10.02 32.14 1.21
CA VAL A 143 10.96 31.03 0.95
C VAL A 143 11.00 30.66 -0.52
N PHE A 144 12.12 30.93 -1.17
CA PHE A 144 12.36 30.60 -2.56
C PHE A 144 13.19 29.33 -2.61
N GLY A 145 12.55 28.25 -3.01
CA GLY A 145 13.16 26.93 -3.05
C GLY A 145 13.98 26.70 -4.30
N ILE A 146 14.61 25.54 -4.40
CA ILE A 146 15.53 25.23 -5.51
C ILE A 146 14.81 24.99 -6.81
N ALA A 147 13.65 24.33 -6.76
CA ALA A 147 12.97 23.82 -7.95
C ALA A 147 11.50 24.16 -7.94
N PRO A 148 11.17 25.46 -7.89
CA PRO A 148 9.78 25.89 -7.70
C PRO A 148 8.79 25.55 -8.81
N ASN A 149 9.26 25.16 -10.00
CA ASN A 149 8.33 24.84 -11.11
C ASN A 149 8.17 23.33 -11.35
N CYS A 150 8.70 22.52 -10.44
CA CYS A 150 8.51 21.07 -10.48
C CYS A 150 7.18 20.69 -9.86
N ARG A 151 6.74 19.46 -10.11
CA ARG A 151 5.51 18.95 -9.54
C ARG A 151 5.85 18.22 -8.26
N VAL A 152 5.17 18.57 -7.17
CA VAL A 152 5.48 18.02 -5.88
C VAL A 152 4.23 17.40 -5.29
N ILE A 153 4.37 16.14 -4.88
CA ILE A 153 3.33 15.46 -4.15
C ILE A 153 3.87 15.18 -2.77
N ASN A 154 3.24 15.75 -1.74
CA ASN A 154 3.54 15.36 -0.36
C ASN A 154 2.75 14.11 -0.02
N MET A 155 3.42 13.15 0.62
CA MET A 155 2.77 11.97 1.14
C MET A 155 2.92 11.94 2.66
N PRO A 156 2.05 12.67 3.39
CA PRO A 156 2.23 12.78 4.84
C PRO A 156 2.12 11.48 5.58
N GLN A 157 2.92 11.30 6.62
CA GLN A 157 2.84 10.14 7.48
C GLN A 157 2.40 10.54 8.91
N ASP A 158 1.72 11.67 9.02
CA ASP A 158 1.32 12.23 10.30
C ASP A 158 0.60 11.19 11.15
N ALA A 159 -0.37 10.50 10.57
CA ALA A 159 -1.16 9.50 11.30
C ALA A 159 -0.29 8.45 11.99
N ASP A 167 7.54 2.68 14.60
CA ASP A 167 6.53 1.92 13.83
C ASP A 167 6.02 2.65 12.56
N VAL A 168 5.91 3.97 12.59
CA VAL A 168 5.54 4.73 11.37
C VAL A 168 6.77 4.94 10.48
N MET A 169 7.94 5.03 11.11
CA MET A 169 9.20 4.93 10.36
C MET A 169 9.66 3.48 10.15
N SER A 170 8.80 2.48 10.40
CA SER A 170 9.19 1.08 10.23
C SER A 170 9.54 0.87 8.78
N PRO A 171 10.42 -0.09 8.50
CA PRO A 171 10.75 -0.31 7.09
C PRO A 171 9.52 -0.76 6.30
N LEU A 172 8.68 -1.59 6.90
CA LEU A 172 7.45 -2.00 6.24
C LEU A 172 6.70 -0.78 5.71
N ASN A 173 6.38 0.16 6.60
CA ASN A 173 5.61 1.34 6.18
C ASN A 173 6.32 2.24 5.17
N LEU A 174 7.65 2.33 5.24
CA LEU A 174 8.40 3.14 4.28
C LEU A 174 8.37 2.48 2.91
N ALA A 175 8.57 1.16 2.89
CA ALA A 175 8.44 0.37 1.66
C ALA A 175 7.06 0.57 1.03
N ARG A 176 6.02 0.50 1.83
CA ARG A 176 4.65 0.69 1.32
C ARG A 176 4.51 2.07 0.74
N ALA A 177 5.05 3.06 1.43
CA ALA A 177 5.01 4.45 0.98
C ALA A 177 5.75 4.60 -0.31
N ILE A 178 6.89 3.90 -0.41
CA ILE A 178 7.73 3.98 -1.60
C ILE A 178 7.01 3.41 -2.81
N ASP A 179 6.47 2.20 -2.66
CA ASP A 179 5.68 1.58 -3.72
C ASP A 179 4.59 2.55 -4.23
N LEU A 180 3.91 3.22 -3.33
CA LEU A 180 2.85 4.13 -3.73
C LEU A 180 3.46 5.32 -4.46
N ALA A 181 4.59 5.84 -3.97
CA ALA A 181 5.19 7.00 -4.63
C ALA A 181 5.53 6.66 -6.08
N LEU A 182 6.02 5.45 -6.30
CA LEU A 182 6.29 5.00 -7.66
C LEU A 182 5.01 4.98 -8.47
N GLU A 183 3.95 4.38 -7.93
CA GLU A 183 2.67 4.28 -8.63
C GLU A 183 2.15 5.66 -8.95
N LEU A 184 2.41 6.62 -8.07
CA LEU A 184 1.97 8.01 -8.28
C LEU A 184 2.79 8.74 -9.36
N GLY A 185 3.86 8.12 -9.85
CA GLY A 185 4.65 8.68 -10.96
C GLY A 185 5.88 9.50 -10.55
N ALA A 186 6.53 9.08 -9.47
CA ALA A 186 7.65 9.80 -8.94
C ALA A 186 8.83 9.69 -9.89
N ASN A 187 9.54 10.81 -10.06
CA ASN A 187 10.85 10.80 -10.67
C ASN A 187 11.91 10.80 -9.60
N ILE A 188 11.66 11.55 -8.53
CA ILE A 188 12.49 11.56 -7.33
C ILE A 188 11.60 11.25 -6.16
N ILE A 189 12.07 10.43 -5.22
CA ILE A 189 11.40 10.25 -3.94
C ILE A 189 12.30 10.85 -2.87
N HIS A 190 11.81 11.88 -2.18
CA HIS A 190 12.53 12.43 -1.04
C HIS A 190 12.01 11.77 0.17
N CYS A 191 12.88 11.01 0.81
CA CYS A 191 12.53 10.29 1.98
C CYS A 191 13.09 11.03 3.17
N ALA A 192 12.26 11.78 3.88
CA ALA A 192 12.74 12.63 5.00
C ALA A 192 13.18 11.87 6.28
N PHE A 193 13.10 10.55 6.27
CA PHE A 193 13.13 9.73 7.46
C PHE A 193 14.44 9.05 7.71
N CYS A 194 14.78 8.92 8.98
CA CYS A 194 15.95 8.15 9.41
C CYS A 194 15.48 7.06 10.38
N ARG A 195 15.53 5.78 9.97
CA ARG A 195 15.30 4.70 10.93
C ARG A 195 16.62 4.19 11.42
N PRO A 196 16.78 4.12 12.74
CA PRO A 196 18.12 3.76 13.19
C PRO A 196 18.63 2.40 12.74
N THR A 197 19.96 2.34 12.63
CA THR A 197 20.66 1.10 12.42
C THR A 197 22.11 1.30 12.80
N GLN A 198 22.74 0.20 13.23
CA GLN A 198 24.15 0.19 13.57
C GLN A 198 24.99 -0.40 12.44
N THR A 199 24.40 -0.61 11.28
CA THR A 199 25.10 -1.25 10.17
C THR A 199 24.38 -0.90 8.86
N SER A 200 24.89 -1.40 7.75
CA SER A 200 24.22 -1.24 6.45
C SER A 200 23.06 -2.21 6.19
N GLU A 201 22.78 -3.13 7.12
CA GLU A 201 21.65 -4.03 6.96
C GLU A 201 20.34 -3.28 7.29
N GLY A 202 19.35 -3.42 6.40
CA GLY A 202 17.97 -3.05 6.69
C GLY A 202 17.07 -4.25 6.43
N GLU A 203 15.78 -4.14 6.76
CA GLU A 203 14.86 -5.22 6.47
C GLU A 203 14.81 -5.37 4.96
N GLU A 204 14.68 -6.61 4.51
CA GLU A 204 14.71 -6.93 3.09
C GLU A 204 13.60 -6.20 2.31
N ILE A 205 12.44 -6.05 2.93
CA ILE A 205 11.32 -5.39 2.29
C ILE A 205 11.70 -3.99 1.81
N LEU A 206 12.48 -3.28 2.60
CA LEU A 206 12.89 -1.92 2.27
C LEU A 206 13.99 -1.95 1.21
N VAL A 207 14.94 -2.86 1.36
CA VAL A 207 15.96 -3.06 0.36
C VAL A 207 15.34 -3.27 -1.02
N GLN A 208 14.32 -4.12 -1.08
CA GLN A 208 13.66 -4.41 -2.35
C GLN A 208 12.97 -3.18 -2.91
N ALA A 209 12.42 -2.35 -2.04
CA ALA A 209 11.78 -1.11 -2.46
C ALA A 209 12.79 -0.13 -3.05
N ILE A 210 14.00 -0.09 -2.51
CA ILE A 210 15.04 0.81 -3.02
C ILE A 210 15.52 0.29 -4.37
N LYS A 211 15.82 -0.99 -4.45
CA LYS A 211 16.20 -1.59 -5.73
C LYS A 211 15.11 -1.32 -6.77
N LYS A 212 13.85 -1.41 -6.37
CA LYS A 212 12.75 -1.17 -7.31
C LYS A 212 12.79 0.24 -7.85
N CYS A 213 13.26 1.18 -7.04
CA CYS A 213 13.41 2.55 -7.50
C CYS A 213 14.49 2.62 -8.58
N GLN A 214 15.62 1.93 -8.37
CA GLN A 214 16.69 1.94 -9.35
C GLN A 214 16.25 1.29 -10.65
N ASP A 215 15.62 0.13 -10.53
CA ASP A 215 15.10 -0.56 -11.69
C ASP A 215 14.08 0.22 -12.50
N ASN A 216 13.46 1.25 -11.92
CA ASN A 216 12.46 2.04 -12.60
C ASN A 216 12.89 3.46 -12.87
N ASN A 217 14.19 3.71 -12.73
CA ASN A 217 14.77 5.02 -13.01
C ASN A 217 14.21 6.13 -12.13
N VAL A 218 14.15 5.86 -10.83
CA VAL A 218 13.65 6.83 -9.87
C VAL A 218 14.70 7.04 -8.78
N LEU A 219 15.09 8.29 -8.57
CA LEU A 219 16.07 8.65 -7.56
C LEU A 219 15.43 8.70 -6.16
N ILE A 220 16.14 8.16 -5.15
CA ILE A 220 15.71 8.34 -3.77
C ILE A 220 16.78 9.11 -3.05
N VAL A 221 16.39 10.20 -2.44
CA VAL A 221 17.29 11.01 -1.63
C VAL A 221 16.86 10.92 -0.17
N SER A 222 17.82 10.83 0.74
CA SER A 222 17.50 10.85 2.15
C SER A 222 18.72 11.30 2.96
N PRO A 223 18.50 11.79 4.18
CA PRO A 223 19.58 12.35 4.97
C PRO A 223 20.35 11.30 5.69
N THR A 224 21.64 11.58 5.97
CA THR A 224 22.50 10.60 6.62
C THR A 224 22.21 10.54 8.10
N GLY A 225 21.70 11.64 8.65
CA GLY A 225 21.32 11.71 10.06
C GLY A 225 22.22 12.63 10.88
N ASN A 226 21.77 12.98 12.08
CA ASN A 226 22.49 13.89 12.97
C ASN A 226 22.99 13.24 14.24
N ASN A 227 23.43 11.98 14.15
CA ASN A 227 23.83 11.24 15.33
C ASN A 227 25.31 11.33 15.70
N SER A 228 26.11 12.05 14.94
CA SER A 228 27.56 12.06 15.13
C SER A 228 28.14 10.63 15.12
N ASN A 229 27.61 9.80 14.22
CA ASN A 229 27.99 8.40 14.06
C ASN A 229 27.78 7.50 15.28
N GLU A 230 26.90 7.92 16.20
CA GLU A 230 26.49 7.05 17.30
C GLU A 230 25.55 5.97 16.77
N SER A 231 24.84 6.30 15.69
CA SER A 231 24.08 5.33 14.93
C SER A 231 23.95 5.82 13.48
N TRP A 232 23.50 4.96 12.57
CA TRP A 232 23.28 5.32 11.18
C TRP A 232 21.80 5.28 10.88
N CYS A 233 21.45 5.58 9.63
CA CYS A 233 20.05 5.71 9.17
C CYS A 233 19.70 4.89 7.94
N LEU A 234 18.49 4.33 7.97
CA LEU A 234 17.83 3.80 6.79
C LEU A 234 16.90 4.89 6.26
N PRO A 235 16.82 5.08 4.95
CA PRO A 235 17.43 4.36 3.84
C PRO A 235 18.81 4.83 3.38
N ALA A 236 19.36 5.85 4.03
CA ALA A 236 20.64 6.44 3.58
C ALA A 236 21.74 5.41 3.29
N VAL A 237 21.90 4.46 4.19
CA VAL A 237 23.01 3.54 4.14
C VAL A 237 22.74 2.34 3.27
N LEU A 238 21.57 2.29 2.63
CA LEU A 238 21.28 1.19 1.71
C LEU A 238 21.74 1.55 0.30
N PRO A 239 22.32 0.58 -0.42
CA PRO A 239 22.76 0.83 -1.80
C PRO A 239 21.62 1.32 -2.70
N GLY A 240 21.88 2.33 -3.54
CA GLY A 240 20.89 2.89 -4.45
C GLY A 240 20.39 4.28 -4.11
N THR A 241 20.42 4.63 -2.83
CA THR A 241 19.91 5.92 -2.39
C THR A 241 21.00 6.99 -2.53
N LEU A 242 20.61 8.24 -2.72
CA LEU A 242 21.57 9.33 -2.61
C LEU A 242 21.53 9.80 -1.17
N ALA A 243 22.59 9.50 -0.41
CA ALA A 243 22.71 9.93 1.00
C ALA A 243 23.21 11.36 1.04
N VAL A 244 22.66 12.17 1.94
CA VAL A 244 23.07 13.56 2.01
C VAL A 244 23.52 13.93 3.41
N GLY A 245 24.68 14.56 3.48
CA GLY A 245 25.23 15.06 4.74
C GLY A 245 25.18 16.57 4.78
N ALA A 246 25.38 17.15 5.97
CA ALA A 246 25.17 18.56 6.19
C ALA A 246 26.48 19.34 6.25
N ALA A 247 26.56 20.43 5.49
CA ALA A 247 27.75 21.28 5.47
C ALA A 247 27.51 22.57 6.22
N LYS A 248 28.55 23.10 6.86
CA LYS A 248 28.50 24.43 7.48
C LYS A 248 28.41 25.47 6.38
N VAL A 249 28.23 26.71 6.79
CA VAL A 249 28.30 27.82 5.86
C VAL A 249 29.60 27.79 5.06
N ASP A 250 30.74 27.51 5.71
CA ASP A 250 32.05 27.50 5.04
C ASP A 250 32.35 26.25 4.17
N GLY A 251 31.41 25.31 4.13
CA GLY A 251 31.55 24.12 3.30
C GLY A 251 32.10 22.89 4.01
N THR A 252 32.70 23.07 5.19
CA THR A 252 33.15 21.95 6.01
C THR A 252 31.94 21.21 6.58
N PRO A 253 32.09 19.94 6.93
CA PRO A 253 30.96 19.19 7.38
C PRO A 253 30.63 19.44 8.84
N CYS A 254 29.33 19.53 9.13
CA CYS A 254 28.85 19.68 10.48
C CYS A 254 29.25 18.47 11.28
N HIS A 255 29.73 18.72 12.51
CA HIS A 255 30.22 17.69 13.41
C HIS A 255 29.22 16.56 13.64
N PHE A 256 27.95 16.89 13.65
CA PHE A 256 26.91 15.88 13.91
C PHE A 256 26.53 15.03 12.69
N SER A 257 26.90 15.44 11.49
CA SER A 257 26.43 14.78 10.25
C SER A 257 27.03 13.40 10.07
N ASN A 258 26.20 12.37 10.05
CA ASN A 258 26.71 10.98 10.00
C ASN A 258 27.50 10.71 8.71
N TRP A 259 28.37 9.71 8.75
CA TRP A 259 29.30 9.46 7.65
C TRP A 259 29.87 8.10 7.77
N GLY A 260 30.65 7.69 6.78
CA GLY A 260 31.26 6.35 6.78
C GLY A 260 30.38 5.31 6.13
N GLY A 261 30.97 4.13 5.87
CA GLY A 261 30.26 3.06 5.16
C GLY A 261 29.65 3.57 3.87
N ASN A 262 28.42 3.15 3.60
CA ASN A 262 27.75 3.58 2.39
C ASN A 262 27.35 5.02 2.41
N ASN A 263 27.34 5.66 3.59
CA ASN A 263 27.09 7.09 3.65
C ASN A 263 28.18 7.79 2.84
N THR A 264 29.42 7.35 3.04
CA THR A 264 30.55 7.93 2.31
C THR A 264 30.65 7.48 0.86
N LYS A 265 30.47 6.20 0.60
CA LYS A 265 30.53 5.68 -0.76
C LYS A 265 29.46 6.25 -1.70
N GLU A 266 28.28 6.52 -1.18
CA GLU A 266 27.18 6.90 -2.05
C GLU A 266 26.47 8.14 -1.57
N GLY A 267 27.21 9.03 -0.92
CA GLY A 267 26.60 10.22 -0.34
C GLY A 267 27.33 11.44 -0.80
N ILE A 268 26.69 12.57 -0.58
CA ILE A 268 27.22 13.86 -1.00
C ILE A 268 26.93 14.87 0.10
N LEU A 269 27.79 15.87 0.19
CA LEU A 269 27.67 16.90 1.22
C LEU A 269 27.06 18.14 0.62
N ALA A 270 26.14 18.76 1.34
CA ALA A 270 25.47 19.94 0.85
C ALA A 270 25.14 20.90 2.00
N PRO A 271 24.86 22.16 1.67
CA PRO A 271 24.53 23.09 2.70
C PRO A 271 23.47 22.53 3.66
N GLY A 272 23.80 22.53 4.96
CA GLY A 272 22.92 22.04 6.00
C GLY A 272 22.67 22.97 7.16
N GLU A 273 23.59 23.90 7.37
CA GLU A 273 23.49 24.87 8.46
C GLU A 273 22.71 26.10 8.00
N GLU A 274 21.80 26.55 8.87
CA GLU A 274 21.08 27.81 8.69
C GLU A 274 20.41 27.90 7.34
N ILE A 275 19.65 26.87 7.00
CA ILE A 275 18.91 26.83 5.74
C ILE A 275 17.53 27.43 5.93
N LEU A 276 17.16 28.37 5.04
CA LEU A 276 15.92 29.12 5.20
C LEU A 276 14.72 28.32 4.75
N GLY A 277 13.63 28.36 5.52
CA GLY A 277 12.43 27.62 5.18
C GLY A 277 11.21 27.97 6.01
N ALA A 278 10.08 27.37 5.62
CA ALA A 278 8.79 27.69 6.22
C ALA A 278 8.50 26.88 7.50
N GLN A 279 7.58 27.40 8.29
CA GLN A 279 7.05 26.75 9.48
C GLN A 279 5.55 27.02 9.42
N PRO A 280 4.76 26.09 9.95
CA PRO A 280 3.32 26.18 9.74
C PRO A 280 2.68 27.37 10.42
N CYS A 281 1.57 27.83 9.85
CA CYS A 281 0.68 28.83 10.43
C CYS A 281 1.19 30.28 10.36
N THR A 282 2.38 30.50 9.80
CA THR A 282 2.98 31.83 9.81
C THR A 282 3.82 32.10 8.56
N GLU A 283 3.71 33.29 8.01
CA GLU A 283 4.52 33.72 6.87
C GLU A 283 5.98 33.97 7.25
N GLU A 284 6.26 34.13 8.54
CA GLU A 284 7.64 34.28 9.01
C GLU A 284 8.42 32.98 8.82
N PRO A 285 9.51 33.00 8.05
CA PRO A 285 10.33 31.81 7.94
C PRO A 285 11.33 31.67 9.08
N VAL A 286 12.05 30.56 9.06
CA VAL A 286 13.02 30.23 10.10
C VAL A 286 14.19 29.43 9.48
N ARG A 287 15.39 29.64 9.99
CA ARG A 287 16.57 28.95 9.52
C ARG A 287 16.86 27.77 10.42
N LEU A 288 17.00 26.60 9.82
CA LEU A 288 17.23 25.38 10.58
C LEU A 288 18.54 24.72 10.17
N THR A 289 19.03 23.85 11.05
CA THR A 289 20.30 23.14 10.80
C THR A 289 20.17 21.64 10.92
N GLY A 290 20.72 20.92 9.94
CA GLY A 290 20.70 19.45 9.98
C GLY A 290 20.79 18.79 8.61
N THR A 291 21.11 17.50 8.60
CA THR A 291 21.11 16.76 7.35
C THR A 291 19.74 16.77 6.67
N SER A 292 18.67 16.81 7.46
CA SER A 292 17.30 16.96 6.93
C SER A 292 17.09 18.24 6.16
N MET A 293 17.92 19.26 6.39
CA MET A 293 17.81 20.50 5.63
C MET A 293 18.74 20.46 4.41
N ALA A 294 19.82 19.67 4.48
CA ALA A 294 20.73 19.50 3.33
C ALA A 294 20.13 18.58 2.28
N ALA A 295 19.46 17.52 2.71
CA ALA A 295 18.85 16.58 1.77
C ALA A 295 17.95 17.28 0.71
N PRO A 296 17.07 18.16 1.15
CA PRO A 296 16.14 18.84 0.24
C PRO A 296 16.84 19.64 -0.83
N VAL A 297 17.95 20.27 -0.46
CA VAL A 297 18.73 21.02 -1.43
C VAL A 297 19.16 20.10 -2.56
N MET A 298 19.66 18.91 -2.21
CA MET A 298 20.07 17.94 -3.23
C MET A 298 18.88 17.39 -4.03
N THR A 299 17.76 17.16 -3.36
CA THR A 299 16.55 16.79 -4.09
C THR A 299 16.22 17.88 -5.13
N GLY A 300 16.36 19.13 -4.73
CA GLY A 300 16.09 20.24 -5.62
C GLY A 300 17.08 20.33 -6.77
N ILE A 301 18.36 20.26 -6.43
CA ILE A 301 19.39 20.31 -7.47
C ILE A 301 19.16 19.14 -8.46
N SER A 302 18.89 17.95 -7.94
CA SER A 302 18.60 16.81 -8.79
C SER A 302 17.36 17.06 -9.66
N ALA A 303 16.31 17.60 -9.08
CA ALA A 303 15.12 17.96 -9.85
C ALA A 303 15.43 18.87 -11.04
N LEU A 304 16.28 19.88 -10.82
CA LEU A 304 16.59 20.82 -11.87
C LEU A 304 17.40 20.12 -12.97
N LEU A 305 18.38 19.32 -12.57
CA LEU A 305 19.18 18.59 -13.54
C LEU A 305 18.28 17.70 -14.38
N MET A 306 17.29 17.08 -13.76
CA MET A 306 16.34 16.24 -14.52
C MET A 306 15.45 17.12 -15.40
N SER A 307 15.04 18.29 -14.90
CA SER A 307 14.20 19.19 -15.65
C SER A 307 14.92 19.64 -16.92
N LEU A 308 16.23 19.78 -16.82
CA LEU A 308 17.03 20.29 -17.90
C LEU A 308 17.11 19.24 -19.00
N GLN A 309 17.20 17.97 -18.62
CA GLN A 309 17.13 16.87 -19.57
C GLN A 309 15.86 16.95 -20.41
N VAL A 310 14.73 17.20 -19.75
CA VAL A 310 13.46 17.32 -20.46
C VAL A 310 13.47 18.53 -21.38
N GLN A 311 13.88 19.68 -20.85
CA GLN A 311 13.86 20.92 -21.64
C GLN A 311 14.67 20.80 -22.92
N GLN A 312 15.70 19.95 -22.89
CA GLN A 312 16.58 19.75 -24.03
C GLN A 312 16.29 18.46 -24.80
N GLY A 313 15.12 17.88 -24.57
CA GLY A 313 14.71 16.70 -25.33
C GLY A 313 15.48 15.42 -25.04
N LYS A 314 16.43 15.47 -24.11
CA LYS A 314 17.13 14.27 -23.63
C LYS A 314 16.19 13.48 -22.73
N PRO A 315 16.38 12.15 -22.66
CA PRO A 315 15.47 11.39 -21.81
C PRO A 315 15.83 11.62 -20.36
N VAL A 316 14.86 11.51 -19.45
CA VAL A 316 15.12 11.65 -18.03
C VAL A 316 15.90 10.44 -17.56
N ASP A 317 17.00 10.69 -16.85
CA ASP A 317 17.90 9.62 -16.37
C ASP A 317 18.39 9.85 -14.93
N ALA A 318 17.61 9.35 -13.97
CA ALA A 318 17.96 9.43 -12.54
C ALA A 318 19.35 8.93 -12.17
N GLU A 319 19.73 7.76 -12.68
CA GLU A 319 21.03 7.18 -12.33
C GLU A 319 22.21 7.99 -12.91
N ALA A 320 22.04 8.54 -14.12
CA ALA A 320 23.04 9.44 -14.69
C ALA A 320 23.17 10.64 -13.77
N VAL A 321 22.04 11.17 -13.29
CA VAL A 321 22.10 12.37 -12.46
C VAL A 321 22.80 12.07 -11.16
N ARG A 322 22.46 10.95 -10.56
CA ARG A 322 23.03 10.59 -9.30
C ARG A 322 24.52 10.34 -9.43
N THR A 323 24.93 9.56 -10.41
CA THR A 323 26.34 9.25 -10.56
C THR A 323 27.15 10.49 -10.99
N ALA A 324 26.55 11.34 -11.83
CA ALA A 324 27.17 12.61 -12.18
C ALA A 324 27.48 13.44 -10.91
N LEU A 325 26.50 13.55 -10.00
CA LEU A 325 26.69 14.35 -8.79
C LEU A 325 27.76 13.74 -7.89
N LEU A 326 27.76 12.42 -7.78
CA LEU A 326 28.71 11.74 -6.93
C LEU A 326 30.14 11.84 -7.48
N LYS A 327 30.31 11.63 -8.78
CA LYS A 327 31.65 11.55 -9.40
C LYS A 327 32.35 12.89 -9.50
N THR A 328 31.58 13.97 -9.46
CA THR A 328 32.11 15.31 -9.57
C THR A 328 32.15 16.02 -8.23
N ALA A 329 31.68 15.38 -7.16
CA ALA A 329 31.68 16.00 -5.83
C ALA A 329 33.10 16.33 -5.43
N ILE A 330 33.30 17.50 -4.83
CA ILE A 330 34.65 17.93 -4.49
C ILE A 330 35.09 17.42 -3.10
N PRO A 331 36.17 16.64 -3.05
CA PRO A 331 36.57 16.14 -1.74
C PRO A 331 37.12 17.25 -0.85
N CYS A 332 36.93 17.13 0.46
CA CYS A 332 37.45 18.14 1.38
C CYS A 332 38.99 18.04 1.44
N ASP A 333 39.61 19.19 1.68
CA ASP A 333 41.05 19.29 1.82
C ASP A 333 41.47 18.67 3.18
N PRO A 334 42.35 17.65 3.17
CA PRO A 334 42.78 17.03 4.43
C PRO A 334 43.51 17.97 5.38
N GLU A 335 44.03 19.09 4.87
CA GLU A 335 44.71 20.04 5.73
C GLU A 335 43.75 21.01 6.39
N VAL A 336 42.47 20.96 6.02
CA VAL A 336 41.44 21.82 6.61
C VAL A 336 40.44 21.02 7.45
N VAL A 337 40.04 19.86 6.95
CA VAL A 337 39.09 18.98 7.61
C VAL A 337 39.83 17.74 8.08
N GLU A 338 39.71 17.39 9.35
CA GLU A 338 40.52 16.31 9.91
C GLU A 338 40.15 14.94 9.32
N GLU A 339 38.86 14.68 9.17
CA GLU A 339 38.40 13.42 8.58
C GLU A 339 37.60 13.69 7.30
N PRO A 340 38.28 13.68 6.15
CA PRO A 340 37.65 13.97 4.87
C PRO A 340 36.49 13.07 4.53
N GLU A 341 36.46 11.85 5.06
CA GLU A 341 35.36 10.96 4.75
C GLU A 341 34.04 11.48 5.31
N ARG A 342 34.11 12.44 6.22
CA ARG A 342 32.91 13.15 6.71
C ARG A 342 32.20 13.92 5.63
N CYS A 343 32.93 14.30 4.59
CA CYS A 343 32.35 15.03 3.48
C CYS A 343 31.72 14.05 2.49
N LEU A 344 31.78 12.76 2.82
CA LEU A 344 31.21 11.70 1.99
C LEU A 344 31.95 11.72 0.66
N ARG A 345 31.28 11.62 -0.49
CA ARG A 345 32.03 11.69 -1.76
C ARG A 345 32.60 13.10 -2.02
N GLY A 346 32.00 14.11 -1.40
CA GLY A 346 32.48 15.48 -1.54
C GLY A 346 31.36 16.50 -1.49
N PHE A 347 31.71 17.77 -1.56
CA PHE A 347 30.70 18.83 -1.57
C PHE A 347 30.05 18.89 -2.95
N VAL A 348 28.75 19.08 -2.99
CA VAL A 348 28.04 19.19 -4.27
C VAL A 348 28.76 20.15 -5.22
N ASN A 349 28.91 19.75 -6.47
CA ASN A 349 29.65 20.49 -7.51
C ASN A 349 28.80 20.60 -8.78
N ILE A 350 27.84 21.50 -8.78
CA ILE A 350 26.92 21.64 -9.93
C ILE A 350 27.69 21.79 -11.25
N PRO A 351 28.74 22.62 -11.27
CA PRO A 351 29.41 22.83 -12.54
C PRO A 351 30.03 21.57 -13.11
N GLY A 352 30.57 20.69 -12.29
CA GLY A 352 31.04 19.40 -12.75
C GLY A 352 29.88 18.54 -13.25
N ALA A 353 28.80 18.49 -12.47
CA ALA A 353 27.62 17.73 -12.85
C ALA A 353 27.15 18.14 -14.24
N MET A 354 27.21 19.44 -14.52
CA MET A 354 26.74 20.00 -15.79
C MET A 354 27.64 19.58 -16.94
N LYS A 355 28.93 19.49 -16.68
CA LYS A 355 29.87 19.04 -17.69
C LYS A 355 29.56 17.61 -18.10
N VAL A 356 29.36 16.74 -17.11
CA VAL A 356 29.14 15.33 -17.36
C VAL A 356 27.85 15.09 -18.09
N LEU A 357 26.79 15.73 -17.62
CA LEU A 357 25.45 15.50 -18.16
C LEU A 357 25.14 16.26 -19.44
N PHE A 358 25.68 17.48 -19.58
CA PHE A 358 25.29 18.35 -20.69
C PHE A 358 26.44 18.88 -21.49
N GLY A 359 27.69 18.63 -21.11
CA GLY A 359 28.79 19.16 -21.91
C GLY A 359 29.14 20.62 -21.67
N GLN A 360 28.59 21.26 -20.65
CA GLN A 360 28.96 22.63 -20.34
C GLN A 360 30.34 22.78 -19.73
N VAL B 24 -43.27 -19.94 -6.75
CA VAL B 24 -42.55 -20.27 -8.01
C VAL B 24 -41.33 -19.36 -8.25
N ALA B 25 -40.21 -19.95 -8.65
CA ALA B 25 -38.95 -19.21 -8.80
C ALA B 25 -38.89 -18.40 -10.09
N LEU B 26 -38.82 -17.07 -9.99
CA LEU B 26 -38.71 -16.21 -11.17
C LEU B 26 -37.33 -16.28 -11.83
N HIS B 27 -36.30 -16.63 -11.07
CA HIS B 27 -34.95 -16.79 -11.60
C HIS B 27 -34.36 -18.12 -11.20
N PRO B 28 -34.75 -19.19 -11.90
CA PRO B 28 -34.35 -20.53 -11.47
C PRO B 28 -32.85 -20.68 -11.39
N HIS B 29 -32.36 -21.00 -10.19
CA HIS B 29 -30.95 -21.21 -9.93
C HIS B 29 -30.67 -22.62 -9.51
N ASP B 30 -29.51 -23.14 -9.94
CA ASP B 30 -29.03 -24.49 -9.64
C ASP B 30 -29.05 -24.91 -8.16
N LEU B 31 -28.96 -23.94 -7.26
CA LEU B 31 -28.91 -24.24 -5.83
C LEU B 31 -30.23 -23.95 -5.09
N ASP B 32 -31.33 -23.78 -5.81
CA ASP B 32 -32.62 -23.51 -5.17
C ASP B 32 -33.07 -24.65 -4.26
N GLU B 33 -32.87 -25.89 -4.72
CA GLU B 33 -33.28 -27.09 -3.95
C GLU B 33 -32.37 -27.35 -2.74
N ARG B 34 -31.11 -26.99 -2.85
CA ARG B 34 -30.19 -27.16 -1.71
C ARG B 34 -30.23 -26.01 -0.72
N ILE B 35 -30.62 -24.81 -1.18
CA ILE B 35 -30.67 -23.62 -0.31
C ILE B 35 -32.09 -23.07 -0.12
N PRO B 36 -32.76 -23.51 0.95
CA PRO B 36 -34.08 -22.96 1.18
C PRO B 36 -34.04 -21.44 1.22
N GLY B 37 -35.04 -20.80 0.61
CA GLY B 37 -35.15 -19.35 0.63
C GLY B 37 -34.40 -18.60 -0.45
N LEU B 38 -33.50 -19.28 -1.18
CA LEU B 38 -32.78 -18.64 -2.27
C LEU B 38 -33.74 -18.09 -3.31
N ALA B 39 -34.59 -18.97 -3.83
CA ALA B 39 -35.57 -18.60 -4.86
C ALA B 39 -36.39 -17.37 -4.44
N ASP B 40 -36.93 -17.40 -3.24
CA ASP B 40 -37.64 -16.22 -2.71
C ASP B 40 -36.78 -14.95 -2.75
N LEU B 41 -35.53 -15.08 -2.35
CA LEU B 41 -34.64 -13.93 -2.27
C LEU B 41 -34.35 -13.41 -3.68
N HIS B 42 -34.14 -14.31 -4.64
CA HIS B 42 -33.92 -13.91 -6.02
C HIS B 42 -35.15 -13.21 -6.60
N ASN B 43 -36.34 -13.66 -6.24
CA ASN B 43 -37.56 -12.98 -6.63
C ASN B 43 -37.63 -11.52 -6.18
N GLN B 44 -36.88 -11.16 -5.16
CA GLN B 44 -36.85 -9.77 -4.68
C GLN B 44 -35.62 -8.97 -5.17
N THR B 45 -34.55 -9.66 -5.55
CA THR B 45 -33.33 -8.99 -5.96
C THR B 45 -32.31 -9.94 -6.60
N LEU B 46 -31.56 -9.41 -7.56
CA LEU B 46 -30.43 -10.14 -8.14
C LEU B 46 -29.10 -9.44 -7.78
N GLY B 47 -29.17 -8.53 -6.83
CA GLY B 47 -28.04 -7.69 -6.47
C GLY B 47 -28.31 -6.26 -6.84
N ASP B 48 -27.57 -5.35 -6.22
CA ASP B 48 -27.64 -3.93 -6.54
C ASP B 48 -26.22 -3.45 -6.86
N PRO B 49 -26.08 -2.56 -7.85
CA PRO B 49 -24.73 -2.06 -8.18
C PRO B 49 -24.05 -1.27 -7.06
N GLN B 50 -24.82 -0.76 -6.10
CA GLN B 50 -24.23 -0.03 -4.98
C GLN B 50 -23.43 -0.91 -4.02
N ILE B 51 -23.61 -2.24 -4.12
CA ILE B 51 -22.86 -3.20 -3.32
C ILE B 51 -21.67 -3.74 -4.09
N THR B 52 -20.46 -3.49 -3.58
CA THR B 52 -19.22 -3.89 -4.23
C THR B 52 -18.60 -5.08 -3.50
N ILE B 53 -18.26 -6.12 -4.26
CA ILE B 53 -17.55 -7.29 -3.78
C ILE B 53 -16.16 -7.26 -4.38
N VAL B 54 -15.13 -7.28 -3.54
CA VAL B 54 -13.75 -7.37 -4.02
C VAL B 54 -13.28 -8.79 -3.76
N ILE B 55 -12.89 -9.50 -4.83
CA ILE B 55 -12.44 -10.89 -4.72
C ILE B 55 -10.94 -10.90 -4.73
N ILE B 56 -10.34 -11.29 -3.60
CA ILE B 56 -8.88 -11.46 -3.50
C ILE B 56 -8.59 -12.94 -3.78
N ASP B 57 -8.11 -13.21 -4.99
CA ASP B 57 -7.94 -14.56 -5.50
C ASP B 57 -6.98 -14.44 -6.68
N GLY B 58 -6.91 -15.45 -7.54
CA GLY B 58 -6.16 -15.36 -8.77
C GLY B 58 -6.84 -14.54 -9.86
N ASP B 59 -6.48 -14.84 -11.09
CA ASP B 59 -6.82 -14.00 -12.24
C ASP B 59 -7.85 -14.70 -13.14
N PRO B 60 -9.11 -14.24 -13.14
CA PRO B 60 -10.15 -14.90 -13.90
C PRO B 60 -10.22 -14.47 -15.37
N ASP B 61 -10.99 -15.23 -16.16
CA ASP B 61 -11.11 -15.02 -17.59
C ASP B 61 -12.39 -14.26 -17.91
N TYR B 62 -12.26 -12.97 -18.19
CA TYR B 62 -13.42 -12.11 -18.46
C TYR B 62 -13.98 -12.30 -19.87
N THR B 63 -13.27 -13.03 -20.71
CA THR B 63 -13.75 -13.26 -22.08
C THR B 63 -14.94 -14.25 -22.11
N LEU B 64 -15.12 -15.01 -21.04
CA LEU B 64 -16.27 -15.91 -20.92
C LEU B 64 -17.60 -15.16 -20.94
N SER B 65 -18.63 -15.83 -21.49
CA SER B 65 -19.94 -15.20 -21.73
C SER B 65 -20.70 -15.03 -20.43
N CYS B 66 -20.38 -15.83 -19.42
CA CYS B 66 -21.00 -15.67 -18.10
C CYS B 66 -20.70 -14.30 -17.48
N PHE B 67 -19.71 -13.59 -18.02
CA PHE B 67 -19.37 -12.24 -17.55
C PHE B 67 -19.86 -11.12 -18.47
N GLU B 68 -20.47 -11.48 -19.60
CA GLU B 68 -21.03 -10.50 -20.55
C GLU B 68 -22.11 -9.71 -19.84
N GLY B 69 -21.91 -8.41 -19.69
CA GLY B 69 -22.88 -7.55 -19.02
C GLY B 69 -22.79 -7.55 -17.50
N ALA B 70 -21.91 -8.39 -16.95
CA ALA B 70 -21.61 -8.35 -15.52
C ALA B 70 -20.74 -7.13 -15.28
N GLU B 71 -21.00 -6.43 -14.18
CA GLU B 71 -20.21 -5.27 -13.82
C GLU B 71 -18.97 -5.76 -13.06
N VAL B 72 -17.98 -6.21 -13.83
CA VAL B 72 -16.73 -6.73 -13.30
C VAL B 72 -15.56 -5.89 -13.79
N SER B 73 -14.56 -5.72 -12.94
CA SER B 73 -13.31 -5.11 -13.38
C SER B 73 -12.14 -5.68 -12.59
N LYS B 74 -10.94 -5.64 -13.18
CA LYS B 74 -9.72 -6.09 -12.50
C LYS B 74 -8.93 -4.93 -11.95
N VAL B 75 -8.44 -5.06 -10.73
CA VAL B 75 -7.44 -4.15 -10.21
C VAL B 75 -6.27 -4.95 -9.70
N PHE B 76 -5.13 -4.79 -10.36
CA PHE B 76 -3.92 -5.49 -10.01
C PHE B 76 -3.17 -4.65 -8.99
N PRO B 77 -2.83 -5.23 -7.85
CA PRO B 77 -2.10 -4.43 -6.87
C PRO B 77 -0.86 -3.79 -7.49
N TYR B 78 -0.71 -2.48 -7.32
CA TYR B 78 0.40 -1.74 -7.91
C TYR B 78 1.81 -2.16 -7.46
N TRP B 79 1.90 -2.83 -6.31
CA TRP B 79 3.19 -3.25 -5.74
C TRP B 79 3.58 -4.64 -6.17
N HIS B 80 2.80 -5.20 -7.09
CA HIS B 80 3.19 -6.43 -7.77
C HIS B 80 3.75 -6.09 -9.13
N GLU B 81 4.71 -6.92 -9.54
CA GLU B 81 5.15 -6.94 -10.93
C GLU B 81 4.29 -8.01 -11.59
N PRO B 82 3.72 -7.73 -12.78
CA PRO B 82 2.80 -8.70 -13.39
C PRO B 82 3.53 -9.95 -13.87
N ALA B 83 2.89 -11.12 -13.80
CA ALA B 83 3.50 -12.36 -14.28
C ALA B 83 3.31 -12.54 -15.80
N GLU B 84 4.12 -13.41 -16.39
CA GLU B 84 3.98 -13.73 -17.80
C GLU B 84 2.59 -14.30 -18.04
N PRO B 85 1.92 -13.90 -19.12
CA PRO B 85 0.63 -14.54 -19.43
C PRO B 85 0.72 -16.05 -19.57
N ILE B 86 -0.42 -16.72 -19.45
CA ILE B 86 -0.46 -18.18 -19.50
C ILE B 86 -1.21 -18.62 -20.75
N THR B 87 -0.59 -19.50 -21.52
CA THR B 87 -1.13 -19.91 -22.81
C THR B 87 -2.40 -20.74 -22.65
N PRO B 88 -3.38 -20.56 -23.56
CA PRO B 88 -4.55 -21.46 -23.62
C PRO B 88 -4.18 -22.94 -23.56
N GLU B 89 -3.05 -23.29 -24.13
CA GLU B 89 -2.58 -24.67 -24.18
C GLU B 89 -2.31 -25.23 -22.78
N ASP B 90 -1.72 -24.41 -21.91
CA ASP B 90 -1.44 -24.84 -20.53
C ASP B 90 -2.76 -25.07 -19.78
N TYR B 91 -3.72 -24.16 -19.96
CA TYR B 91 -5.05 -24.30 -19.40
C TYR B 91 -5.71 -25.57 -19.96
N ALA B 92 -5.56 -25.82 -21.26
CA ALA B 92 -6.12 -27.03 -21.87
C ALA B 92 -5.53 -28.31 -21.25
N ALA B 93 -4.23 -28.28 -20.94
CA ALA B 93 -3.57 -29.40 -20.28
C ALA B 93 -4.14 -29.65 -18.89
N PHE B 94 -4.27 -28.58 -18.10
CA PHE B 94 -4.87 -28.66 -16.76
C PHE B 94 -6.25 -29.31 -16.76
N GLN B 95 -7.10 -28.80 -17.64
CA GLN B 95 -8.49 -29.24 -17.73
C GLN B 95 -8.63 -30.67 -18.26
N SER B 96 -7.75 -31.07 -19.19
CA SER B 96 -7.70 -32.46 -19.64
C SER B 96 -7.45 -33.40 -18.48
N ILE B 97 -6.48 -33.08 -17.62
CA ILE B 97 -6.15 -33.93 -16.48
C ILE B 97 -7.28 -33.96 -15.44
N ARG B 98 -8.04 -32.87 -15.33
CA ARG B 98 -9.19 -32.85 -14.46
C ARG B 98 -10.32 -33.69 -15.03
N ASP B 99 -10.62 -33.48 -16.30
CA ASP B 99 -11.69 -34.21 -16.96
C ASP B 99 -11.51 -35.73 -16.88
N GLN B 100 -10.27 -36.22 -16.96
CA GLN B 100 -10.09 -37.68 -16.83
C GLN B 100 -10.16 -38.18 -15.38
N GLY B 101 -10.39 -37.26 -14.44
CA GLY B 101 -10.78 -37.61 -13.07
C GLY B 101 -9.65 -38.02 -12.15
N LEU B 102 -8.41 -37.70 -12.52
CA LEU B 102 -7.28 -37.96 -11.64
C LEU B 102 -7.35 -37.09 -10.40
N LYS B 103 -6.84 -37.61 -9.28
CA LYS B 103 -6.87 -36.87 -8.00
C LYS B 103 -5.63 -37.16 -7.15
N GLY B 104 -5.37 -36.26 -6.20
CA GLY B 104 -4.35 -36.47 -5.17
C GLY B 104 -2.92 -36.40 -5.70
N LYS B 105 -2.13 -37.42 -5.36
CA LYS B 105 -0.73 -37.48 -5.76
C LYS B 105 -0.66 -37.66 -7.28
N GLU B 106 -1.38 -38.66 -7.80
CA GLU B 106 -1.46 -38.95 -9.23
C GLU B 106 -1.74 -37.71 -10.08
N LYS B 107 -2.64 -36.85 -9.59
CA LYS B 107 -2.99 -35.62 -10.30
C LYS B 107 -1.82 -34.65 -10.34
N GLU B 108 -1.08 -34.52 -9.24
CA GLU B 108 0.00 -33.56 -9.20
C GLU B 108 1.23 -34.04 -9.96
N GLU B 109 1.42 -35.36 -10.02
CA GLU B 109 2.47 -35.91 -10.86
C GLU B 109 2.15 -35.70 -12.35
N ALA B 110 0.86 -35.77 -12.70
CA ALA B 110 0.40 -35.48 -14.06
C ALA B 110 0.62 -34.02 -14.40
N LEU B 111 0.19 -33.13 -13.52
CA LEU B 111 0.34 -31.70 -13.77
C LEU B 111 1.84 -31.31 -13.86
N GLU B 112 2.67 -31.95 -13.05
CA GLU B 112 4.12 -31.68 -13.04
C GLU B 112 4.75 -32.10 -14.37
N ALA B 113 4.26 -33.18 -14.97
CA ALA B 113 4.85 -33.69 -16.19
C ALA B 113 4.59 -32.75 -17.36
N VAL B 114 3.41 -32.17 -17.45
CA VAL B 114 3.01 -31.42 -18.65
C VAL B 114 2.99 -29.88 -18.49
N ILE B 115 2.71 -29.37 -17.29
CA ILE B 115 2.78 -27.92 -17.02
C ILE B 115 3.40 -27.61 -15.64
N PRO B 116 4.66 -28.00 -15.43
CA PRO B 116 5.32 -27.75 -14.13
C PRO B 116 5.50 -26.28 -13.77
N ASP B 117 5.71 -25.44 -14.78
CA ASP B 117 6.01 -24.01 -14.56
C ASP B 117 4.78 -23.14 -14.48
N THR B 118 3.59 -23.70 -14.69
CA THR B 118 2.38 -22.90 -14.63
C THR B 118 1.25 -23.58 -13.83
N LYS B 119 1.48 -24.79 -13.33
CA LYS B 119 0.42 -25.53 -12.65
C LYS B 119 -0.14 -24.77 -11.46
N ASP B 120 0.74 -24.15 -10.65
CA ASP B 120 0.29 -23.49 -9.40
C ASP B 120 -0.48 -22.22 -9.68
N ARG B 121 -0.10 -21.52 -10.73
CA ARG B 121 -0.80 -20.31 -11.08
C ARG B 121 -2.14 -20.63 -11.72
N ILE B 122 -2.18 -21.74 -12.46
CA ILE B 122 -3.43 -22.15 -13.08
C ILE B 122 -4.43 -22.61 -12.03
N VAL B 123 -3.95 -23.30 -10.99
CA VAL B 123 -4.85 -23.69 -9.91
C VAL B 123 -5.54 -22.45 -9.38
N LEU B 124 -4.76 -21.40 -9.08
CA LEU B 124 -5.32 -20.17 -8.57
C LEU B 124 -6.27 -19.54 -9.54
N ASN B 125 -5.82 -19.32 -10.78
CA ASN B 125 -6.64 -18.63 -11.76
C ASN B 125 -7.93 -19.38 -12.09
N ASP B 126 -7.82 -20.70 -12.19
CA ASP B 126 -8.98 -21.53 -12.44
C ASP B 126 -9.98 -21.34 -11.31
N ALA B 127 -9.52 -21.48 -10.07
CA ALA B 127 -10.39 -21.25 -8.89
C ALA B 127 -11.06 -19.87 -8.90
N ALA B 128 -10.32 -18.85 -9.33
CA ALA B 128 -10.86 -17.49 -9.42
C ALA B 128 -12.00 -17.39 -10.43
N CYS B 129 -11.87 -18.11 -11.55
CA CYS B 129 -12.95 -18.19 -12.51
C CYS B 129 -14.19 -18.76 -11.88
N HIS B 130 -13.97 -19.88 -11.19
CA HIS B 130 -15.08 -20.62 -10.63
C HIS B 130 -15.78 -19.80 -9.59
N VAL B 131 -15.00 -19.28 -8.66
CA VAL B 131 -15.49 -18.45 -7.59
C VAL B 131 -16.16 -17.18 -8.13
N THR B 132 -15.49 -16.47 -9.01
CA THR B 132 -16.07 -15.22 -9.52
C THR B 132 -17.42 -15.48 -10.24
N SER B 133 -17.53 -16.59 -10.94
CA SER B 133 -18.77 -16.91 -11.66
C SER B 133 -19.88 -17.32 -10.72
N THR B 134 -19.51 -18.02 -9.65
CA THR B 134 -20.47 -18.43 -8.64
C THR B 134 -21.14 -17.20 -8.03
N ILE B 135 -20.40 -16.09 -7.96
CA ILE B 135 -20.91 -14.86 -7.38
C ILE B 135 -21.67 -13.99 -8.39
N VAL B 136 -21.06 -13.72 -9.54
CA VAL B 136 -21.62 -12.72 -10.47
C VAL B 136 -22.05 -13.26 -11.85
N GLY B 137 -21.98 -14.57 -12.07
CA GLY B 137 -22.39 -15.16 -13.33
C GLY B 137 -23.77 -14.69 -13.77
N GLN B 138 -23.88 -14.24 -15.03
CA GLN B 138 -25.15 -13.65 -15.51
C GLN B 138 -26.18 -14.73 -15.85
N GLU B 139 -27.45 -14.41 -15.61
CA GLU B 139 -28.53 -15.38 -15.85
C GLU B 139 -28.65 -15.70 -17.34
N HIS B 140 -28.98 -16.96 -17.64
CA HIS B 140 -29.12 -17.48 -19.01
C HIS B 140 -27.79 -17.78 -19.67
N SER B 141 -26.71 -17.57 -18.95
CA SER B 141 -25.39 -17.99 -19.39
C SER B 141 -25.16 -19.40 -18.85
N PRO B 142 -23.99 -19.99 -19.16
CA PRO B 142 -23.67 -21.31 -18.62
C PRO B 142 -23.55 -21.37 -17.10
N VAL B 143 -23.13 -20.26 -16.48
CA VAL B 143 -23.08 -20.17 -15.01
C VAL B 143 -23.87 -18.97 -14.51
N PHE B 144 -24.98 -19.26 -13.83
CA PHE B 144 -25.82 -18.26 -13.20
C PHE B 144 -25.47 -18.20 -11.71
N GLY B 145 -24.81 -17.12 -11.31
CA GLY B 145 -24.34 -16.93 -9.95
C GLY B 145 -25.40 -16.38 -9.02
N ILE B 146 -25.05 -16.22 -7.74
CA ILE B 146 -26.01 -15.80 -6.73
C ILE B 146 -26.41 -14.33 -6.85
N ALA B 147 -25.45 -13.47 -7.19
CA ALA B 147 -25.63 -12.00 -7.12
C ALA B 147 -25.15 -11.32 -8.40
N PRO B 148 -25.75 -11.66 -9.54
CA PRO B 148 -25.27 -11.20 -10.83
C PRO B 148 -25.35 -9.70 -11.12
N ASN B 149 -26.11 -8.93 -10.33
CA ASN B 149 -26.24 -7.48 -10.58
C ASN B 149 -25.46 -6.61 -9.57
N CYS B 150 -24.61 -7.28 -8.77
CA CYS B 150 -23.70 -6.58 -7.87
C CYS B 150 -22.45 -6.14 -8.64
N ARG B 151 -21.70 -5.24 -8.05
CA ARG B 151 -20.45 -4.77 -8.63
C ARG B 151 -19.31 -5.63 -8.09
N VAL B 152 -18.50 -6.18 -8.98
CA VAL B 152 -17.41 -7.05 -8.58
C VAL B 152 -16.08 -6.52 -9.09
N ILE B 153 -15.12 -6.40 -8.18
CA ILE B 153 -13.74 -6.09 -8.53
C ILE B 153 -12.89 -7.29 -8.17
N ASN B 154 -12.26 -7.92 -9.16
CA ASN B 154 -11.27 -8.95 -8.90
C ASN B 154 -9.95 -8.26 -8.62
N MET B 155 -9.26 -8.71 -7.57
CA MET B 155 -7.90 -8.26 -7.28
C MET B 155 -6.96 -9.45 -7.38
N PRO B 156 -6.50 -9.75 -8.58
CA PRO B 156 -5.68 -10.94 -8.75
C PRO B 156 -4.37 -10.88 -8.00
N GLN B 157 -3.92 -12.03 -7.50
CA GLN B 157 -2.61 -12.15 -6.86
C GLN B 157 -1.72 -13.10 -7.67
N ASP B 158 -2.01 -13.24 -8.96
CA ASP B 158 -1.28 -14.16 -9.87
C ASP B 158 0.24 -13.93 -9.77
N ALA B 159 0.68 -12.67 -9.85
CA ALA B 159 2.12 -12.33 -9.86
C ALA B 159 2.96 -12.94 -8.73
N VAL B 160 2.36 -13.09 -7.54
CA VAL B 160 3.00 -13.79 -6.43
C VAL B 160 2.62 -15.28 -6.38
N VAL B 168 4.20 -17.74 -1.28
CA VAL B 168 3.87 -16.65 -0.37
C VAL B 168 2.41 -16.16 -0.56
N MET B 169 1.55 -16.60 0.37
CA MET B 169 0.21 -16.07 0.57
C MET B 169 0.27 -15.39 1.92
N SER B 170 1.31 -14.58 2.06
CA SER B 170 1.74 -14.09 3.36
C SER B 170 0.72 -13.16 3.95
N PRO B 171 0.66 -13.09 5.29
CA PRO B 171 -0.29 -12.18 5.89
C PRO B 171 0.00 -10.74 5.47
N LEU B 172 1.28 -10.37 5.40
CA LEU B 172 1.65 -9.04 4.96
C LEU B 172 0.92 -8.70 3.67
N ASN B 173 1.10 -9.52 2.64
CA ASN B 173 0.47 -9.25 1.35
C ASN B 173 -1.05 -9.25 1.38
N LEU B 174 -1.65 -10.09 2.20
CA LEU B 174 -3.11 -10.14 2.26
C LEU B 174 -3.64 -8.88 2.95
N ALA B 175 -2.98 -8.46 4.01
CA ALA B 175 -3.31 -7.20 4.67
C ALA B 175 -3.21 -6.03 3.67
N ARG B 176 -2.13 -5.99 2.89
CA ARG B 176 -1.96 -4.92 1.90
C ARG B 176 -3.10 -4.96 0.90
N ALA B 177 -3.45 -6.16 0.47
CA ALA B 177 -4.56 -6.35 -0.44
C ALA B 177 -5.88 -5.88 0.20
N ILE B 178 -6.06 -6.20 1.49
CA ILE B 178 -7.28 -5.83 2.21
C ILE B 178 -7.41 -4.32 2.28
N ASP B 179 -6.35 -3.65 2.71
CA ASP B 179 -6.35 -2.20 2.76
C ASP B 179 -6.78 -1.61 1.40
N LEU B 180 -6.24 -2.14 0.31
CA LEU B 180 -6.60 -1.63 -1.01
C LEU B 180 -8.06 -1.95 -1.35
N ALA B 181 -8.54 -3.13 -0.99
CA ALA B 181 -9.93 -3.48 -1.29
C ALA B 181 -10.86 -2.47 -0.60
N LEU B 182 -10.52 -2.09 0.64
CA LEU B 182 -11.30 -1.08 1.34
C LEU B 182 -11.26 0.23 0.58
N GLU B 183 -10.07 0.66 0.17
CA GLU B 183 -9.91 1.91 -0.55
C GLU B 183 -10.70 1.88 -1.86
N LEU B 184 -10.78 0.71 -2.48
CA LEU B 184 -11.55 0.54 -3.71
C LEU B 184 -13.06 0.57 -3.47
N GLY B 185 -13.50 0.60 -2.21
CA GLY B 185 -14.93 0.74 -1.88
C GLY B 185 -15.65 -0.58 -1.64
N ALA B 186 -14.96 -1.57 -1.09
CA ALA B 186 -15.54 -2.89 -0.87
C ALA B 186 -16.63 -2.83 0.19
N ASN B 187 -17.75 -3.49 -0.09
CA ASN B 187 -18.76 -3.77 0.93
C ASN B 187 -18.53 -5.16 1.51
N ILE B 188 -18.15 -6.09 0.63
CA ILE B 188 -17.73 -7.43 1.04
C ILE B 188 -16.35 -7.68 0.43
N ILE B 189 -15.45 -8.31 1.19
CA ILE B 189 -14.19 -8.77 0.65
C ILE B 189 -14.21 -10.26 0.69
N HIS B 190 -14.16 -10.90 -0.46
CA HIS B 190 -14.07 -12.34 -0.52
C HIS B 190 -12.62 -12.70 -0.58
N CYS B 191 -12.16 -13.36 0.46
CA CYS B 191 -10.78 -13.70 0.57
C CYS B 191 -10.64 -15.16 0.30
N ALA B 192 -10.24 -15.53 -0.91
CA ALA B 192 -10.24 -16.95 -1.34
C ALA B 192 -9.18 -17.83 -0.68
N PHE B 193 -8.38 -17.24 0.21
CA PHE B 193 -7.11 -17.82 0.60
C PHE B 193 -7.16 -18.44 1.98
N CYS B 194 -6.40 -19.52 2.13
CA CYS B 194 -6.19 -20.15 3.43
C CYS B 194 -4.69 -20.17 3.72
N ARG B 195 -4.23 -19.38 4.70
CA ARG B 195 -2.86 -19.51 5.19
C ARG B 195 -2.80 -20.36 6.45
N PRO B 196 -1.97 -21.41 6.48
CA PRO B 196 -1.89 -22.24 7.68
C PRO B 196 -1.29 -21.51 8.90
N GLU B 203 -0.56 -13.44 12.00
CA GLU B 203 0.24 -12.24 12.28
C GLU B 203 -0.62 -11.02 12.60
N GLU B 204 -0.11 -10.15 13.46
CA GLU B 204 -0.84 -8.97 13.92
C GLU B 204 -1.27 -8.05 12.76
N ILE B 205 -0.42 -7.92 11.76
CA ILE B 205 -0.69 -7.03 10.64
C ILE B 205 -2.01 -7.39 9.96
N LEU B 206 -2.26 -8.69 9.87
CA LEU B 206 -3.48 -9.18 9.25
C LEU B 206 -4.67 -9.00 10.18
N VAL B 207 -4.46 -9.30 11.45
CA VAL B 207 -5.48 -9.11 12.47
C VAL B 207 -5.97 -7.67 12.45
N GLN B 208 -5.06 -6.72 12.35
CA GLN B 208 -5.44 -5.31 12.33
C GLN B 208 -6.24 -5.01 11.08
N ALA B 209 -5.88 -5.65 9.96
CA ALA B 209 -6.59 -5.47 8.69
C ALA B 209 -8.01 -6.01 8.75
N ILE B 210 -8.21 -7.10 9.48
CA ILE B 210 -9.58 -7.64 9.66
C ILE B 210 -10.39 -6.72 10.56
N LYS B 211 -9.82 -6.35 11.70
CA LYS B 211 -10.53 -5.43 12.60
C LYS B 211 -10.90 -4.15 11.85
N LYS B 212 -10.01 -3.68 10.99
CA LYS B 212 -10.29 -2.48 10.20
C LYS B 212 -11.53 -2.67 9.34
N CYS B 213 -11.75 -3.89 8.83
CA CYS B 213 -12.93 -4.19 8.03
C CYS B 213 -14.18 -4.05 8.87
N GLN B 214 -14.14 -4.58 10.09
CA GLN B 214 -15.30 -4.47 10.98
C GLN B 214 -15.58 -3.03 11.33
N ASP B 215 -14.54 -2.30 11.73
CA ASP B 215 -14.67 -0.90 12.07
C ASP B 215 -15.23 -0.03 10.94
N ASN B 216 -15.14 -0.51 9.70
CA ASN B 216 -15.62 0.25 8.54
C ASN B 216 -16.82 -0.35 7.86
N ASN B 217 -17.47 -1.28 8.55
CA ASN B 217 -18.68 -1.92 8.07
C ASN B 217 -18.51 -2.71 6.76
N VAL B 218 -17.47 -3.52 6.72
CA VAL B 218 -17.17 -4.32 5.56
C VAL B 218 -17.03 -5.78 5.96
N LEU B 219 -17.79 -6.65 5.31
CA LEU B 219 -17.76 -8.08 5.61
C LEU B 219 -16.57 -8.76 4.91
N ILE B 220 -15.90 -9.68 5.60
CA ILE B 220 -14.85 -10.50 5.01
C ILE B 220 -15.34 -11.90 5.11
N VAL B 221 -15.40 -12.58 3.96
CA VAL B 221 -15.80 -13.96 3.90
C VAL B 221 -14.62 -14.77 3.46
N SER B 222 -14.41 -15.92 4.08
CA SER B 222 -13.34 -16.79 3.64
C SER B 222 -13.64 -18.22 4.02
N PRO B 223 -13.02 -19.18 3.33
CA PRO B 223 -13.31 -20.56 3.62
C PRO B 223 -12.58 -21.08 4.84
N THR B 224 -13.14 -22.10 5.50
CA THR B 224 -12.51 -22.66 6.69
C THR B 224 -11.34 -23.58 6.32
N GLY B 225 -11.40 -24.15 5.11
CA GLY B 225 -10.31 -25.00 4.60
C GLY B 225 -10.68 -26.46 4.46
N ASN B 226 -9.85 -27.21 3.73
CA ASN B 226 -10.11 -28.62 3.44
C ASN B 226 -9.09 -29.54 4.09
N ASN B 227 -8.62 -29.21 5.28
CA ASN B 227 -7.57 -29.97 5.94
C ASN B 227 -8.05 -31.12 6.85
N SER B 228 -9.36 -31.28 7.00
CA SER B 228 -9.91 -32.25 7.97
C SER B 228 -9.36 -31.99 9.38
N ASN B 229 -9.25 -30.71 9.73
CA ASN B 229 -8.70 -30.26 11.02
C ASN B 229 -7.25 -30.67 11.36
N GLU B 230 -6.48 -31.02 10.34
CA GLU B 230 -5.04 -31.23 10.52
C GLU B 230 -4.34 -29.88 10.71
N SER B 231 -4.93 -28.84 10.12
CA SER B 231 -4.53 -27.47 10.37
C SER B 231 -5.72 -26.55 10.11
N TRP B 232 -5.63 -25.30 10.54
CA TRP B 232 -6.67 -24.29 10.31
C TRP B 232 -6.19 -23.24 9.34
N CYS B 233 -7.05 -22.26 9.05
CA CYS B 233 -6.79 -21.23 8.04
C CYS B 233 -6.97 -19.79 8.53
N LEU B 234 -6.07 -18.93 8.06
CA LEU B 234 -6.25 -17.48 8.17
C LEU B 234 -6.79 -17.03 6.83
N PRO B 235 -7.73 -16.08 6.81
CA PRO B 235 -8.36 -15.33 7.90
C PRO B 235 -9.57 -15.97 8.63
N ALA B 236 -10.00 -17.17 8.22
CA ALA B 236 -11.21 -17.80 8.79
C ALA B 236 -11.26 -17.79 10.32
N VAL B 237 -10.14 -18.15 10.95
CA VAL B 237 -10.09 -18.34 12.39
C VAL B 237 -9.85 -17.04 13.18
N LEU B 238 -9.77 -15.90 12.47
CA LEU B 238 -9.64 -14.60 13.13
C LEU B 238 -11.01 -13.99 13.40
N PRO B 239 -11.18 -13.35 14.56
CA PRO B 239 -12.47 -12.71 14.88
C PRO B 239 -12.87 -11.65 13.85
N GLY B 240 -14.14 -11.64 13.48
CA GLY B 240 -14.67 -10.66 12.53
C GLY B 240 -14.98 -11.20 11.15
N THR B 241 -14.33 -12.28 10.75
CA THR B 241 -14.55 -12.85 9.44
C THR B 241 -15.77 -13.76 9.47
N LEU B 242 -16.44 -13.92 8.33
CA LEU B 242 -17.45 -14.96 8.21
C LEU B 242 -16.76 -16.19 7.65
N ALA B 243 -16.56 -17.21 8.50
CA ALA B 243 -15.95 -18.46 8.08
C ALA B 243 -16.98 -19.36 7.39
N VAL B 244 -16.62 -20.02 6.31
CA VAL B 244 -17.57 -20.86 5.61
C VAL B 244 -17.06 -22.29 5.46
N GLY B 245 -17.92 -23.26 5.80
CA GLY B 245 -17.62 -24.67 5.68
C GLY B 245 -18.45 -25.28 4.57
N ALA B 246 -18.06 -26.47 4.11
CA ALA B 246 -18.63 -27.04 2.89
C ALA B 246 -19.61 -28.15 3.21
N ALA B 247 -20.80 -28.07 2.63
CA ALA B 247 -21.85 -29.09 2.86
C ALA B 247 -21.99 -30.02 1.66
N LYS B 248 -22.35 -31.28 1.93
CA LYS B 248 -22.71 -32.23 0.87
C LYS B 248 -24.01 -31.81 0.22
N VAL B 249 -24.37 -32.48 -0.86
CA VAL B 249 -25.67 -32.27 -1.48
C VAL B 249 -26.80 -32.42 -0.45
N ASP B 250 -26.71 -33.43 0.41
CA ASP B 250 -27.78 -33.70 1.39
C ASP B 250 -27.74 -32.82 2.65
N GLY B 251 -26.82 -31.84 2.69
CA GLY B 251 -26.79 -30.85 3.77
C GLY B 251 -25.84 -31.15 4.93
N THR B 252 -25.37 -32.39 5.04
CA THR B 252 -24.39 -32.77 6.05
C THR B 252 -23.03 -32.19 5.66
N PRO B 253 -22.13 -32.03 6.62
CA PRO B 253 -20.85 -31.42 6.30
C PRO B 253 -19.87 -32.40 5.67
N CYS B 254 -19.13 -31.92 4.67
CA CYS B 254 -18.07 -32.70 4.06
C CYS B 254 -17.02 -33.03 5.10
N HIS B 255 -16.56 -34.29 5.11
CA HIS B 255 -15.57 -34.78 6.07
C HIS B 255 -14.32 -33.93 6.14
N PHE B 256 -13.89 -33.38 5.01
CA PHE B 256 -12.66 -32.58 4.96
C PHE B 256 -12.80 -31.13 5.46
N SER B 257 -14.03 -30.63 5.57
CA SER B 257 -14.27 -29.21 5.89
C SER B 257 -13.86 -28.88 7.33
N ASN B 258 -12.90 -27.97 7.51
CA ASN B 258 -12.38 -27.66 8.84
C ASN B 258 -13.44 -27.08 9.75
N TRP B 259 -13.22 -27.19 11.06
CA TRP B 259 -14.23 -26.81 12.05
C TRP B 259 -13.58 -26.66 13.39
N GLY B 260 -14.36 -26.20 14.38
CA GLY B 260 -13.85 -26.02 15.75
C GLY B 260 -13.27 -24.63 15.96
N GLY B 261 -13.02 -24.29 17.21
CA GLY B 261 -12.52 -22.95 17.57
C GLY B 261 -13.39 -21.86 16.98
N ASN B 262 -12.76 -20.80 16.46
CA ASN B 262 -13.52 -19.70 15.86
C ASN B 262 -14.19 -20.09 14.54
N ASN B 263 -13.78 -21.20 13.93
CA ASN B 263 -14.49 -21.71 12.75
C ASN B 263 -15.93 -22.03 13.13
N THR B 264 -16.12 -22.66 14.29
CA THR B 264 -17.44 -23.00 14.76
C THR B 264 -18.18 -21.80 15.34
N LYS B 265 -17.52 -21.00 16.16
CA LYS B 265 -18.15 -19.82 16.77
C LYS B 265 -18.63 -18.78 15.76
N GLU B 266 -17.89 -18.59 14.68
CA GLU B 266 -18.20 -17.51 13.76
C GLU B 266 -18.28 -17.99 12.31
N GLY B 267 -18.68 -19.24 12.11
CA GLY B 267 -18.75 -19.81 10.78
C GLY B 267 -20.10 -20.38 10.49
N ILE B 268 -20.34 -20.65 9.21
CA ILE B 268 -21.62 -21.13 8.73
C ILE B 268 -21.35 -22.15 7.66
N LEU B 269 -22.27 -23.09 7.52
CA LEU B 269 -22.11 -24.18 6.57
C LEU B 269 -22.97 -23.92 5.35
N ALA B 270 -22.42 -24.17 4.16
CA ALA B 270 -23.15 -23.94 2.92
C ALA B 270 -22.79 -24.99 1.87
N PRO B 271 -23.59 -25.08 0.81
CA PRO B 271 -23.28 -26.00 -0.24
C PRO B 271 -21.83 -25.90 -0.70
N GLY B 272 -21.12 -27.01 -0.65
CA GLY B 272 -19.71 -27.05 -1.07
C GLY B 272 -19.39 -28.12 -2.10
N GLU B 273 -20.21 -29.17 -2.16
CA GLU B 273 -20.02 -30.28 -3.08
C GLU B 273 -20.68 -30.01 -4.41
N GLU B 274 -19.97 -30.30 -5.50
CA GLU B 274 -20.50 -30.25 -6.85
C GLU B 274 -21.15 -28.92 -7.19
N ILE B 275 -20.40 -27.84 -6.94
CA ILE B 275 -20.90 -26.50 -7.22
C ILE B 275 -20.52 -26.07 -8.66
N LEU B 276 -21.50 -25.60 -9.42
CA LEU B 276 -21.30 -25.31 -10.84
C LEU B 276 -20.57 -23.98 -11.01
N GLY B 277 -19.59 -23.95 -11.92
CA GLY B 277 -18.88 -22.73 -12.19
C GLY B 277 -17.99 -22.77 -13.42
N ALA B 278 -17.36 -21.62 -13.71
CA ALA B 278 -16.57 -21.45 -14.90
C ALA B 278 -15.11 -21.92 -14.74
N GLN B 279 -14.48 -22.16 -15.88
CA GLN B 279 -13.06 -22.47 -15.98
C GLN B 279 -12.56 -21.71 -17.21
N PRO B 280 -11.29 -21.30 -17.21
CA PRO B 280 -10.83 -20.38 -18.24
C PRO B 280 -10.77 -20.99 -19.62
N CYS B 281 -10.92 -20.14 -20.63
CA CYS B 281 -10.74 -20.48 -22.06
C CYS B 281 -11.87 -21.29 -22.72
N THR B 282 -12.90 -21.66 -21.97
CA THR B 282 -13.96 -22.51 -22.51
C THR B 282 -15.30 -22.16 -21.89
N GLU B 283 -16.36 -22.16 -22.72
CA GLU B 283 -17.72 -21.92 -22.24
C GLU B 283 -18.28 -23.08 -21.44
N GLU B 284 -17.65 -24.26 -21.56
CA GLU B 284 -18.08 -25.43 -20.80
C GLU B 284 -17.78 -25.25 -19.30
N PRO B 285 -18.82 -25.27 -18.45
CA PRO B 285 -18.54 -25.19 -17.02
C PRO B 285 -18.17 -26.54 -16.43
N VAL B 286 -17.85 -26.51 -15.14
CA VAL B 286 -17.39 -27.68 -14.39
C VAL B 286 -17.87 -27.58 -12.94
N ARG B 287 -18.18 -28.71 -12.33
CA ARG B 287 -18.60 -28.75 -10.93
C ARG B 287 -17.40 -29.10 -10.04
N LEU B 288 -17.18 -28.29 -9.01
CA LEU B 288 -16.06 -28.49 -8.10
C LEU B 288 -16.52 -28.67 -6.65
N THR B 289 -15.66 -29.25 -5.82
CA THR B 289 -15.98 -29.52 -4.42
C THR B 289 -14.93 -28.97 -3.43
N GLY B 290 -15.41 -28.28 -2.39
CA GLY B 290 -14.52 -27.70 -1.37
C GLY B 290 -15.09 -26.49 -0.65
N THR B 291 -14.50 -26.14 0.48
CA THR B 291 -14.92 -24.93 1.20
C THR B 291 -14.75 -23.68 0.34
N SER B 292 -13.75 -23.68 -0.54
CA SER B 292 -13.57 -22.60 -1.51
C SER B 292 -14.75 -22.40 -2.44
N MET B 293 -15.55 -23.45 -2.64
CA MET B 293 -16.74 -23.33 -3.49
C MET B 293 -17.94 -22.94 -2.65
N ALA B 294 -17.91 -23.26 -1.35
CA ALA B 294 -18.98 -22.85 -0.43
C ALA B 294 -18.91 -21.37 -0.10
N ALA B 295 -17.71 -20.88 0.12
CA ALA B 295 -17.54 -19.51 0.52
C ALA B 295 -18.23 -18.53 -0.42
N PRO B 296 -18.04 -18.71 -1.73
CA PRO B 296 -18.64 -17.80 -2.70
C PRO B 296 -20.15 -17.74 -2.61
N VAL B 297 -20.77 -18.89 -2.36
CA VAL B 297 -22.21 -18.91 -2.20
C VAL B 297 -22.61 -17.96 -1.07
N MET B 298 -21.90 -18.01 0.04
CA MET B 298 -22.20 -17.12 1.18
C MET B 298 -21.87 -15.65 0.87
N THR B 299 -20.79 -15.42 0.13
CA THR B 299 -20.51 -14.06 -0.31
C THR B 299 -21.70 -13.55 -1.16
N GLY B 300 -22.23 -14.42 -2.01
CA GLY B 300 -23.40 -14.07 -2.83
C GLY B 300 -24.66 -13.82 -2.03
N ILE B 301 -24.97 -14.75 -1.14
CA ILE B 301 -26.13 -14.58 -0.29
C ILE B 301 -26.02 -13.29 0.51
N SER B 302 -24.84 -13.05 1.07
CA SER B 302 -24.61 -11.84 1.85
C SER B 302 -24.79 -10.61 0.97
N ALA B 303 -24.25 -10.66 -0.25
CA ALA B 303 -24.40 -9.56 -1.20
C ALA B 303 -25.87 -9.22 -1.46
N LEU B 304 -26.73 -10.24 -1.60
CA LEU B 304 -28.14 -10.02 -1.88
C LEU B 304 -28.83 -9.39 -0.67
N LEU B 305 -28.55 -9.92 0.52
CA LEU B 305 -29.12 -9.36 1.76
C LEU B 305 -28.72 -7.90 1.91
N MET B 306 -27.48 -7.55 1.54
CA MET B 306 -27.07 -6.15 1.58
C MET B 306 -27.77 -5.35 0.47
N SER B 307 -27.95 -5.95 -0.69
CA SER B 307 -28.60 -5.27 -1.80
C SER B 307 -30.03 -4.91 -1.43
N LEU B 308 -30.63 -5.78 -0.63
CA LEU B 308 -32.01 -5.63 -0.26
C LEU B 308 -32.15 -4.45 0.70
N GLN B 309 -31.17 -4.28 1.58
CA GLN B 309 -31.11 -3.11 2.46
C GLN B 309 -31.13 -1.81 1.64
N VAL B 310 -30.35 -1.77 0.58
CA VAL B 310 -30.31 -0.59 -0.30
C VAL B 310 -31.65 -0.39 -0.99
N GLN B 311 -32.19 -1.45 -1.58
CA GLN B 311 -33.45 -1.36 -2.32
C GLN B 311 -34.59 -0.84 -1.46
N GLN B 312 -34.52 -1.09 -0.16
CA GLN B 312 -35.54 -0.68 0.79
C GLN B 312 -35.14 0.57 1.58
N GLY B 313 -34.12 1.29 1.12
CA GLY B 313 -33.72 2.55 1.74
C GLY B 313 -33.08 2.42 3.11
N LYS B 314 -32.91 1.20 3.60
CA LYS B 314 -32.19 0.95 4.85
C LYS B 314 -30.70 1.14 4.57
N PRO B 315 -29.92 1.55 5.60
CA PRO B 315 -28.48 1.70 5.36
C PRO B 315 -27.84 0.32 5.25
N VAL B 316 -26.75 0.22 4.51
CA VAL B 316 -26.03 -1.05 4.41
C VAL B 316 -25.38 -1.37 5.74
N ASP B 317 -25.59 -2.59 6.25
CA ASP B 317 -25.06 -3.01 7.55
C ASP B 317 -24.51 -4.45 7.52
N ALA B 318 -23.22 -4.55 7.19
CA ALA B 318 -22.48 -5.83 7.15
C ALA B 318 -22.62 -6.67 8.41
N GLU B 319 -22.45 -6.05 9.56
CA GLU B 319 -22.47 -6.78 10.82
C GLU B 319 -23.89 -7.33 11.13
N ALA B 320 -24.93 -6.57 10.82
CA ALA B 320 -26.29 -7.08 10.94
C ALA B 320 -26.46 -8.30 10.06
N VAL B 321 -25.92 -8.24 8.84
CA VAL B 321 -26.09 -9.35 7.90
C VAL B 321 -25.33 -10.57 8.40
N ARG B 322 -24.11 -10.36 8.84
CA ARG B 322 -23.31 -11.46 9.33
C ARG B 322 -23.92 -12.10 10.56
N THR B 323 -24.33 -11.30 11.54
CA THR B 323 -24.90 -11.88 12.76
C THR B 323 -26.26 -12.53 12.47
N ALA B 324 -27.03 -11.92 11.58
CA ALA B 324 -28.31 -12.50 11.19
C ALA B 324 -28.12 -13.91 10.63
N LEU B 325 -27.14 -14.07 9.74
CA LEU B 325 -26.87 -15.37 9.12
C LEU B 325 -26.40 -16.38 10.16
N LEU B 326 -25.53 -15.94 11.05
CA LEU B 326 -25.02 -16.82 12.10
C LEU B 326 -26.11 -17.27 13.11
N LYS B 327 -26.94 -16.34 13.57
CA LYS B 327 -27.92 -16.63 14.64
C LYS B 327 -29.08 -17.51 14.19
N THR B 328 -29.34 -17.51 12.88
CA THR B 328 -30.47 -18.25 12.31
C THR B 328 -29.98 -19.52 11.61
N ALA B 329 -28.68 -19.75 11.60
CA ALA B 329 -28.14 -20.94 10.98
C ALA B 329 -28.73 -22.16 11.66
N ILE B 330 -29.09 -23.18 10.88
CA ILE B 330 -29.73 -24.37 11.45
C ILE B 330 -28.68 -25.40 11.92
N PRO B 331 -28.66 -25.69 13.21
CA PRO B 331 -27.69 -26.69 13.65
C PRO B 331 -28.01 -28.06 13.08
N CYS B 332 -26.99 -28.87 12.87
CA CYS B 332 -27.21 -30.23 12.38
C CYS B 332 -27.83 -31.09 13.48
N ASP B 333 -28.63 -32.07 13.05
CA ASP B 333 -29.29 -33.00 13.97
C ASP B 333 -28.24 -33.97 14.52
N PRO B 334 -28.07 -34.01 15.86
CA PRO B 334 -27.06 -34.93 16.44
C PRO B 334 -27.31 -36.41 16.16
N GLU B 335 -28.55 -36.76 15.83
CA GLU B 335 -28.87 -38.15 15.52
C GLU B 335 -28.58 -38.51 14.05
N VAL B 336 -28.19 -37.53 13.24
CA VAL B 336 -27.84 -37.74 11.83
C VAL B 336 -26.35 -37.47 11.54
N VAL B 337 -25.79 -36.44 12.17
CA VAL B 337 -24.38 -36.09 12.05
C VAL B 337 -23.71 -36.37 13.38
N GLU B 338 -22.61 -37.12 13.36
CA GLU B 338 -21.98 -37.53 14.61
C GLU B 338 -21.38 -36.36 15.41
N GLU B 339 -20.69 -35.45 14.71
CA GLU B 339 -20.12 -34.26 15.36
C GLU B 339 -20.75 -32.97 14.80
N PRO B 340 -21.85 -32.50 15.44
CA PRO B 340 -22.56 -31.30 14.98
C PRO B 340 -21.72 -30.05 14.86
N GLU B 341 -20.66 -29.95 15.66
CA GLU B 341 -19.81 -28.76 15.62
C GLU B 341 -19.10 -28.62 14.26
N ARG B 342 -19.07 -29.71 13.47
CA ARG B 342 -18.64 -29.68 12.06
C ARG B 342 -19.50 -28.77 11.17
N CYS B 343 -20.75 -28.57 11.57
CA CYS B 343 -21.66 -27.70 10.83
C CYS B 343 -21.50 -26.25 11.27
N LEU B 344 -20.54 -26.00 12.18
CA LEU B 344 -20.19 -24.66 12.64
C LEU B 344 -21.43 -24.11 13.35
N ARG B 345 -21.82 -22.86 13.10
CA ARG B 345 -23.07 -22.35 13.72
C ARG B 345 -24.34 -23.02 13.13
N GLY B 346 -24.24 -23.56 11.91
CA GLY B 346 -25.34 -24.30 11.28
C GLY B 346 -25.38 -24.12 9.77
N PHE B 347 -26.31 -24.78 9.10
CA PHE B 347 -26.48 -24.63 7.67
C PHE B 347 -27.16 -23.31 7.38
N VAL B 348 -26.70 -22.62 6.34
CA VAL B 348 -27.29 -21.34 5.95
C VAL B 348 -28.83 -21.39 5.89
N ASN B 349 -29.48 -20.38 6.47
CA ASN B 349 -30.92 -20.34 6.61
C ASN B 349 -31.45 -18.97 6.16
N ILE B 350 -31.54 -18.78 4.86
CA ILE B 350 -32.00 -17.50 4.32
C ILE B 350 -33.32 -17.04 4.95
N PRO B 351 -34.30 -17.94 5.06
CA PRO B 351 -35.60 -17.49 5.58
C PRO B 351 -35.54 -16.92 6.99
N GLY B 352 -34.70 -17.48 7.85
CA GLY B 352 -34.48 -16.90 9.17
C GLY B 352 -33.78 -15.56 9.08
N ALA B 353 -32.74 -15.51 8.26
CA ALA B 353 -32.00 -14.27 8.04
C ALA B 353 -32.93 -13.14 7.65
N MET B 354 -33.91 -13.44 6.79
CA MET B 354 -34.91 -12.43 6.40
C MET B 354 -35.73 -11.91 7.56
N LYS B 355 -36.15 -12.84 8.39
CA LYS B 355 -37.00 -12.52 9.54
C LYS B 355 -36.30 -11.50 10.43
N VAL B 356 -35.03 -11.78 10.72
CA VAL B 356 -34.25 -10.92 11.61
C VAL B 356 -33.98 -9.55 10.98
N LEU B 357 -33.54 -9.55 9.72
CA LEU B 357 -33.12 -8.32 9.03
C LEU B 357 -34.28 -7.46 8.51
N PHE B 358 -35.38 -8.08 8.10
CA PHE B 358 -36.44 -7.34 7.42
C PHE B 358 -37.80 -7.36 8.14
N GLY B 359 -38.52 -8.48 8.04
CA GLY B 359 -39.84 -8.66 8.67
C GLY B 359 -40.95 -8.91 7.66
N PRO C 4 17.15 12.74 23.85
CA PRO C 4 16.42 13.23 22.68
C PRO C 4 17.34 13.38 21.45
N ILE C 5 17.08 12.60 20.41
CA ILE C 5 17.93 12.63 19.19
C ILE C 5 17.73 13.98 18.47
N PRO C 6 18.84 14.61 18.02
CA PRO C 6 18.76 15.98 17.46
C PRO C 6 18.42 16.02 15.94
N PHE C 7 17.33 15.34 15.60
CA PHE C 7 16.89 15.11 14.24
C PHE C 7 15.38 15.28 14.25
N PRO C 8 14.81 15.95 13.23
CA PRO C 8 15.43 16.49 12.01
C PRO C 8 16.27 17.76 12.17
N ALA C 9 15.92 18.61 13.14
CA ALA C 9 16.65 19.87 13.38
C ALA C 9 17.58 19.77 14.59
N TYR C 10 18.85 20.06 14.37
CA TYR C 10 19.89 20.04 15.40
C TYR C 10 19.84 21.30 16.25
N ASP C 11 19.76 21.12 17.56
CA ASP C 11 19.90 22.22 18.55
C ASP C 11 21.24 22.07 19.26
N GLY C 12 22.06 23.14 19.26
CA GLY C 12 23.41 23.10 19.80
C GLY C 12 24.45 23.49 18.76
#